data_2J3K
#
_entry.id   2J3K
#
_cell.length_a   49.080
_cell.length_b   122.450
_cell.length_c   147.840
_cell.angle_alpha   90.00
_cell.angle_beta   90.00
_cell.angle_gamma   90.00
#
_symmetry.space_group_name_H-M   'P 21 21 21'
#
loop_
_entity.id
_entity.type
_entity.pdbx_description
1 polymer 'NADPH-dependent oxidoreductase 2-alkenal reductase'
2 non-polymer 'NADP NICOTINAMIDE-ADENINE-DINUCLEOTIDE PHOSPHATE'
3 non-polymer (2E,4R)-4-HYDROXYNON-2-ENAL
4 water water
#
_entity_poly.entity_id   1
_entity_poly.type   'polypeptide(L)'
_entity_poly.pdbx_seq_one_letter_code
;MTATNKQVILKDYVSGFPTESDFDFTTTTVELRVPEGTNSVLVKNLYLSCDPYMRIRMGKPDPSTAALAQAYTPGQPIQG
YGVSRIIESGHPDYKKGDLLWGIVAWEEYSVITPMTHAHFKIQHTDVPLSYYTGLLGMPGMTAYAGFYEVCSPKEGETVY
VSAASGAVGQLVGQLAKMMGCYVVGSAGSKEKVDLLKTKFGFDDAFNYKEESDLTAALKRCFPNGIDIYFENVGGKMLDA
VLVNMNMHGRIAVCGMISQYNLENQEGVHNLSNIIYKRNRIQGFVVSDFYDKYSKFLEFVLPHIREGKITYVEDVADGLE
KAPEALVGLFHGKNVGKQVVVVARE
;
_entity_poly.pdbx_strand_id   A,B
#
loop_
_chem_comp.id
_chem_comp.type
_chem_comp.name
_chem_comp.formula
HNE non-polymer (2E,4R)-4-HYDROXYNON-2-ENAL 'C9 H16 O2'
NAP non-polymer 'NADP NICOTINAMIDE-ADENINE-DINUCLEOTIDE PHOSPHATE' 'C21 H28 N7 O17 P3'
#
# COMPACT_ATOMS: atom_id res chain seq x y z
N MET A 1 24.38 44.74 -18.35
CA MET A 1 25.22 43.83 -19.12
C MET A 1 24.44 43.11 -20.21
N THR A 2 25.19 42.53 -21.18
CA THR A 2 24.65 41.76 -22.28
C THR A 2 25.64 40.64 -22.49
N ALA A 3 25.43 39.75 -21.52
CA ALA A 3 26.25 38.57 -21.36
C ALA A 3 25.73 37.35 -22.12
N THR A 4 26.65 36.49 -22.58
CA THR A 4 26.35 35.24 -23.32
C THR A 4 25.85 34.12 -22.38
N ASN A 5 24.62 33.63 -22.62
CA ASN A 5 23.98 32.58 -21.83
C ASN A 5 24.10 31.18 -22.39
N LYS A 6 24.92 30.46 -21.63
CA LYS A 6 25.29 29.05 -21.84
C LYS A 6 24.17 28.23 -21.24
N GLN A 7 23.52 27.44 -22.13
CA GLN A 7 22.40 26.52 -21.90
C GLN A 7 22.70 25.03 -22.22
N VAL A 8 22.01 24.09 -21.53
CA VAL A 8 22.06 22.62 -21.68
C VAL A 8 20.67 22.23 -22.22
N ILE A 9 20.55 21.91 -23.52
CA ILE A 9 19.30 21.44 -24.11
C ILE A 9 19.19 19.90 -24.03
N LEU A 10 18.00 19.31 -24.31
CA LEU A 10 17.79 17.88 -24.53
C LEU A 10 17.50 17.88 -26.02
N LYS A 11 18.30 17.08 -26.77
CA LYS A 11 18.27 16.98 -28.24
C LYS A 11 16.94 16.37 -28.73
N ASP A 12 16.70 15.21 -28.07
CA ASP A 12 15.57 14.32 -28.26
C ASP A 12 15.43 13.46 -27.01
N TYR A 13 14.19 12.95 -26.90
CA TYR A 13 13.65 12.00 -25.92
C TYR A 13 14.45 10.72 -25.64
N VAL A 14 14.51 10.33 -24.35
CA VAL A 14 15.25 9.15 -23.85
C VAL A 14 14.31 7.96 -23.65
N SER A 15 14.78 6.77 -24.08
CA SER A 15 14.04 5.52 -24.00
C SER A 15 14.37 4.60 -22.83
N GLY A 16 15.66 4.55 -22.44
CA GLY A 16 16.18 3.73 -21.34
C GLY A 16 16.96 4.54 -20.32
N PHE A 17 18.21 4.09 -20.05
CA PHE A 17 19.21 4.75 -19.19
C PHE A 17 19.79 5.97 -19.93
N PRO A 18 19.93 7.21 -19.37
CA PRO A 18 20.53 8.38 -20.02
C PRO A 18 22.04 8.36 -20.17
N THR A 19 22.33 8.89 -21.35
CA THR A 19 23.66 9.14 -21.78
C THR A 19 23.73 10.65 -21.96
N GLU A 20 25.00 11.04 -21.93
CA GLU A 20 25.48 12.41 -22.07
C GLU A 20 25.27 12.97 -23.48
N SER A 21 25.07 12.02 -24.42
CA SER A 21 24.81 12.25 -25.82
C SER A 21 23.34 12.37 -26.20
N ASP A 22 22.49 12.55 -25.17
CA ASP A 22 21.05 12.86 -25.30
C ASP A 22 20.74 14.33 -25.06
N PHE A 23 21.80 15.00 -24.58
CA PHE A 23 21.89 16.42 -24.25
C PHE A 23 23.07 17.10 -24.93
N ASP A 24 22.84 18.38 -25.31
CA ASP A 24 23.84 19.26 -25.93
C ASP A 24 23.84 20.68 -25.39
N PHE A 25 25.00 21.32 -25.45
CA PHE A 25 25.22 22.67 -24.98
C PHE A 25 25.06 23.58 -26.15
N THR A 26 24.18 24.55 -25.93
CA THR A 26 23.86 25.63 -26.86
C THR A 26 23.95 27.00 -26.18
N THR A 27 24.07 28.11 -26.96
CA THR A 27 24.20 29.48 -26.42
C THR A 27 23.30 30.50 -27.13
N THR A 28 22.70 31.22 -26.18
CA THR A 28 21.89 32.42 -26.40
C THR A 28 22.65 33.63 -25.81
N THR A 29 22.09 34.87 -25.89
CA THR A 29 22.66 36.12 -25.37
C THR A 29 21.57 36.90 -24.63
N VAL A 30 21.81 36.94 -23.30
CA VAL A 30 20.95 37.65 -22.35
C VAL A 30 21.48 39.05 -21.96
N GLU A 31 20.48 39.90 -22.24
CA GLU A 31 20.39 41.32 -21.99
C GLU A 31 19.81 41.38 -20.59
N LEU A 32 20.67 41.95 -19.70
CA LEU A 32 20.38 42.04 -18.28
C LEU A 32 19.60 43.28 -17.79
N ARG A 33 18.36 43.09 -18.28
CA ARG A 33 17.18 43.95 -18.20
C ARG A 33 16.08 43.58 -17.18
N VAL A 34 15.17 44.55 -16.97
CA VAL A 34 13.96 44.56 -16.14
C VAL A 34 12.85 43.92 -17.01
N PRO A 35 12.49 42.63 -16.77
CA PRO A 35 12.32 41.63 -17.84
C PRO A 35 11.02 41.43 -18.64
N GLU A 36 10.98 40.35 -19.49
CA GLU A 36 9.94 39.81 -20.38
C GLU A 36 8.58 39.55 -19.68
N GLY A 37 7.86 40.68 -19.74
CA GLY A 37 6.53 40.87 -19.16
C GLY A 37 6.59 41.19 -17.69
N THR A 38 6.08 42.37 -17.29
CA THR A 38 6.13 42.99 -15.95
C THR A 38 5.35 42.32 -14.77
N ASN A 39 5.70 41.02 -14.60
CA ASN A 39 5.22 39.97 -13.68
C ASN A 39 6.32 38.98 -13.21
N SER A 40 7.54 39.15 -13.82
CA SER A 40 8.75 38.32 -13.80
C SER A 40 10.01 38.73 -13.04
N VAL A 41 10.99 37.82 -12.79
CA VAL A 41 12.34 38.17 -12.31
C VAL A 41 13.46 37.70 -13.27
N LEU A 42 14.63 38.39 -13.39
CA LEU A 42 15.78 37.81 -14.07
C LEU A 42 16.80 37.43 -13.01
N VAL A 43 17.10 36.14 -13.10
CA VAL A 43 18.09 35.50 -12.25
C VAL A 43 19.36 35.05 -12.95
N LYS A 44 20.37 34.84 -12.09
CA LYS A 44 21.68 34.23 -12.38
C LYS A 44 21.64 32.98 -11.52
N ASN A 45 21.74 31.85 -12.23
CA ASN A 45 21.71 30.53 -11.64
C ASN A 45 23.08 30.24 -11.11
N LEU A 46 22.98 30.02 -9.81
CA LEU A 46 24.08 29.73 -8.91
C LEU A 46 24.40 28.25 -8.74
N TYR A 47 23.40 27.50 -8.24
CA TYR A 47 23.45 26.05 -8.06
C TYR A 47 22.23 25.41 -8.67
N LEU A 48 22.47 24.20 -9.18
CA LEU A 48 21.49 23.32 -9.80
C LEU A 48 21.43 21.96 -9.14
N SER A 49 20.24 21.33 -9.18
CA SER A 49 20.03 20.03 -8.59
C SER A 49 19.96 18.97 -9.67
N CYS A 50 20.64 17.84 -9.48
CA CYS A 50 20.50 16.69 -10.36
C CYS A 50 19.83 15.70 -9.45
N ASP A 51 18.51 15.77 -9.68
CA ASP A 51 17.56 14.96 -8.93
C ASP A 51 16.73 14.00 -9.83
N PRO A 52 16.43 12.72 -9.45
CA PRO A 52 16.00 11.69 -10.38
C PRO A 52 14.62 11.62 -11.04
N TYR A 53 13.62 12.48 -10.70
CA TYR A 53 12.30 12.69 -11.36
C TYR A 53 12.41 13.11 -12.87
N MET A 54 13.62 13.64 -13.17
CA MET A 54 14.06 14.22 -14.43
C MET A 54 14.09 13.25 -15.57
N ARG A 55 14.32 11.96 -15.24
CA ARG A 55 14.19 10.83 -16.15
C ARG A 55 12.73 10.60 -16.56
N ILE A 56 11.75 10.73 -15.62
CA ILE A 56 10.33 10.56 -15.91
C ILE A 56 9.86 11.75 -16.78
N ARG A 57 10.45 12.96 -16.49
CA ARG A 57 10.26 14.17 -17.36
C ARG A 57 10.93 14.16 -18.76
N MET A 58 11.96 13.27 -18.97
CA MET A 58 12.66 13.00 -20.25
C MET A 58 11.94 12.02 -21.20
N GLY A 59 10.80 11.44 -20.79
CA GLY A 59 10.00 10.50 -21.58
C GLY A 59 8.99 11.16 -22.53
N LYS A 60 8.58 10.38 -23.57
CA LYS A 60 7.57 10.71 -24.58
C LYS A 60 6.17 10.34 -24.04
N GLN A 70 4.75 17.90 -17.21
CA GLN A 70 4.15 17.98 -18.53
C GLN A 70 4.97 17.33 -19.65
N ALA A 71 6.23 16.98 -19.31
CA ALA A 71 7.36 16.45 -20.10
C ALA A 71 8.09 17.52 -20.89
N TYR A 72 9.43 17.34 -21.04
CA TYR A 72 10.28 18.26 -21.79
C TYR A 72 10.11 18.17 -23.29
N THR A 73 10.41 19.32 -23.91
CA THR A 73 10.35 19.56 -25.34
C THR A 73 11.78 19.61 -25.91
N PRO A 74 12.21 18.68 -26.80
CA PRO A 74 13.29 18.78 -27.78
C PRO A 74 13.76 20.08 -28.46
N GLY A 75 15.01 20.42 -28.10
CA GLY A 75 15.76 21.60 -28.59
C GLY A 75 15.75 22.85 -27.71
N GLN A 76 15.10 22.66 -26.55
CA GLN A 76 14.84 23.62 -25.51
C GLN A 76 15.55 23.20 -24.23
N PRO A 77 16.05 24.05 -23.27
CA PRO A 77 16.58 23.65 -21.93
C PRO A 77 15.82 22.64 -21.07
N ILE A 78 16.55 21.86 -20.25
CA ILE A 78 15.88 20.95 -19.33
C ILE A 78 15.67 21.70 -18.03
N GLN A 79 14.43 21.66 -17.54
CA GLN A 79 14.03 22.32 -16.31
C GLN A 79 14.34 21.41 -15.13
N GLY A 80 14.80 22.13 -14.13
CA GLY A 80 15.17 21.58 -12.86
C GLY A 80 15.09 22.61 -11.79
N TYR A 81 15.14 22.12 -10.54
CA TYR A 81 15.26 22.98 -9.39
C TYR A 81 16.71 23.47 -9.26
N GLY A 82 16.79 24.61 -8.58
CA GLY A 82 18.03 25.30 -8.29
C GLY A 82 17.90 26.65 -7.66
N VAL A 83 19.00 26.93 -6.95
CA VAL A 83 19.28 28.19 -6.24
C VAL A 83 19.78 29.23 -7.21
N SER A 84 19.19 30.42 -7.00
CA SER A 84 19.40 31.59 -7.83
C SER A 84 19.38 32.99 -7.20
N ARG A 85 20.26 33.91 -7.69
CA ARG A 85 20.33 35.34 -7.27
C ARG A 85 19.52 36.20 -8.20
N ILE A 86 18.71 37.16 -7.70
CA ILE A 86 17.98 38.12 -8.53
C ILE A 86 19.02 39.19 -8.89
N ILE A 87 19.00 39.36 -10.23
CA ILE A 87 19.72 40.39 -10.97
C ILE A 87 18.70 41.52 -11.26
N GLU A 88 17.39 41.34 -11.58
CA GLU A 88 16.37 42.39 -11.86
C GLU A 88 14.89 41.94 -11.77
N SER A 89 13.92 42.82 -11.48
CA SER A 89 12.49 42.49 -11.22
C SER A 89 11.29 43.32 -11.75
N GLY A 90 10.27 42.53 -12.16
CA GLY A 90 8.93 42.93 -12.61
C GLY A 90 7.84 42.37 -11.66
N HIS A 91 8.29 41.50 -10.71
CA HIS A 91 7.52 40.91 -9.60
C HIS A 91 7.62 41.91 -8.39
N PRO A 92 6.55 42.12 -7.56
CA PRO A 92 6.62 42.91 -6.31
C PRO A 92 7.44 42.50 -5.08
N ASP A 93 7.54 41.22 -4.69
CA ASP A 93 8.23 40.84 -3.45
C ASP A 93 9.57 40.09 -3.56
N TYR A 94 10.35 40.59 -4.53
CA TYR A 94 11.72 40.21 -4.89
C TYR A 94 12.34 41.45 -5.50
N LYS A 95 13.39 41.93 -4.80
CA LYS A 95 14.26 43.03 -5.22
C LYS A 95 15.56 42.38 -5.72
N LYS A 96 16.34 43.18 -6.44
CA LYS A 96 17.65 42.88 -7.00
C LYS A 96 18.66 42.64 -5.88
N GLY A 97 19.23 41.41 -5.81
CA GLY A 97 20.27 41.03 -4.85
C GLY A 97 19.95 39.97 -3.79
N ASP A 98 18.71 39.44 -3.76
CA ASP A 98 18.27 38.38 -2.83
C ASP A 98 18.09 37.06 -3.54
N LEU A 99 17.96 36.03 -2.70
CA LEU A 99 17.90 34.66 -3.15
C LEU A 99 16.62 33.87 -3.16
N LEU A 100 16.46 33.13 -4.26
CA LEU A 100 15.40 32.14 -4.39
C LEU A 100 15.92 30.79 -4.77
N TRP A 101 15.01 29.84 -4.55
CA TRP A 101 15.09 28.47 -5.04
C TRP A 101 13.77 28.07 -5.71
N GLY A 102 13.89 27.28 -6.76
CA GLY A 102 12.74 26.85 -7.53
C GLY A 102 13.14 26.47 -8.91
N ILE A 103 12.11 26.26 -9.76
CA ILE A 103 12.30 25.80 -11.12
C ILE A 103 12.70 26.95 -12.04
N VAL A 104 13.97 26.63 -12.30
CA VAL A 104 14.84 27.31 -13.25
C VAL A 104 15.13 26.35 -14.43
N ALA A 105 15.56 26.98 -15.54
CA ALA A 105 16.07 26.31 -16.72
C ALA A 105 17.57 26.12 -16.51
N TRP A 106 18.18 25.11 -17.13
CA TRP A 106 19.62 24.85 -17.01
C TRP A 106 20.39 25.70 -18.03
N GLU A 107 20.50 26.92 -17.48
CA GLU A 107 21.05 28.13 -18.05
C GLU A 107 21.98 28.73 -17.01
N GLU A 108 22.66 29.80 -17.45
CA GLU A 108 23.52 30.64 -16.66
C GLU A 108 22.71 31.81 -16.15
N TYR A 109 21.67 32.20 -16.94
CA TYR A 109 20.69 33.26 -16.73
C TYR A 109 19.25 32.98 -17.20
N SER A 110 18.32 32.90 -16.22
CA SER A 110 16.90 32.67 -16.48
C SER A 110 15.93 33.78 -16.12
N VAL A 111 14.92 33.97 -16.99
CA VAL A 111 13.72 34.79 -16.73
C VAL A 111 12.56 33.79 -16.46
N ILE A 112 12.08 33.91 -15.21
CA ILE A 112 11.03 33.11 -14.59
C ILE A 112 9.99 34.01 -13.95
N THR A 113 8.78 33.42 -13.81
CA THR A 113 7.63 34.04 -13.14
C THR A 113 7.52 33.29 -11.81
N PRO A 114 7.75 33.91 -10.62
CA PRO A 114 7.65 33.25 -9.31
C PRO A 114 6.28 33.07 -8.64
N MET A 115 5.78 31.82 -8.76
CA MET A 115 4.51 31.37 -8.19
C MET A 115 4.86 30.55 -6.94
N THR A 116 4.13 30.88 -5.84
CA THR A 116 4.37 30.49 -4.44
C THR A 116 4.94 29.14 -4.02
N HIS A 117 4.34 28.05 -4.55
CA HIS A 117 4.72 26.68 -4.24
C HIS A 117 5.23 25.86 -5.43
N ALA A 118 6.28 26.55 -5.87
CA ALA A 118 7.18 26.22 -6.96
C ALA A 118 8.49 26.92 -6.65
N HIS A 119 8.42 28.26 -6.34
CA HIS A 119 9.51 29.20 -6.02
C HIS A 119 9.37 29.90 -4.68
N PHE A 120 10.48 29.73 -3.93
CA PHE A 120 10.67 30.17 -2.53
C PHE A 120 11.89 31.05 -2.26
N LYS A 121 11.70 32.18 -1.53
CA LYS A 121 12.72 33.11 -1.04
C LYS A 121 13.51 32.61 0.18
N ILE A 122 14.84 32.78 0.08
CA ILE A 122 15.84 32.45 1.11
C ILE A 122 16.12 33.78 1.83
N GLN A 123 15.95 33.50 3.14
CA GLN A 123 16.19 34.49 4.18
C GLN A 123 17.30 34.19 5.15
N HIS A 124 17.71 32.91 5.12
CA HIS A 124 18.75 32.37 5.99
C HIS A 124 19.97 31.94 5.15
N THR A 125 20.99 32.85 5.04
CA THR A 125 22.24 32.61 4.27
C THR A 125 23.44 32.15 5.14
N ASP A 126 23.15 31.78 6.41
CA ASP A 126 24.09 31.38 7.48
C ASP A 126 24.34 29.86 7.67
N VAL A 127 24.14 29.24 6.50
CA VAL A 127 24.19 27.83 6.14
C VAL A 127 24.70 27.84 4.68
N PRO A 128 25.32 26.81 4.02
CA PRO A 128 25.59 26.79 2.56
C PRO A 128 24.38 26.94 1.65
N LEU A 129 24.46 27.67 0.52
CA LEU A 129 23.35 27.89 -0.40
C LEU A 129 23.21 26.71 -1.36
N SER A 130 24.09 25.71 -1.21
CA SER A 130 24.09 24.43 -1.91
C SER A 130 23.09 23.48 -1.26
N TYR A 131 22.84 23.69 0.05
CA TYR A 131 21.88 22.97 0.90
C TYR A 131 20.41 23.21 0.57
N TYR A 132 20.16 24.30 -0.18
CA TYR A 132 18.88 24.77 -0.62
C TYR A 132 18.47 24.26 -1.99
N THR A 133 19.24 23.27 -2.45
CA THR A 133 18.90 22.39 -3.58
C THR A 133 18.55 21.00 -3.06
N GLY A 134 18.96 20.75 -1.79
CA GLY A 134 18.88 19.51 -1.07
C GLY A 134 18.16 19.53 0.27
N LEU A 135 18.89 19.63 1.40
CA LEU A 135 18.44 19.62 2.80
C LEU A 135 17.32 20.59 3.13
N LEU A 136 17.44 21.83 2.65
CA LEU A 136 16.52 22.94 2.87
C LEU A 136 15.79 23.33 1.60
N GLY A 137 15.84 22.38 0.67
CA GLY A 137 15.27 22.43 -0.66
C GLY A 137 14.24 21.35 -0.84
N MET A 138 14.03 20.92 -2.10
CA MET A 138 13.03 19.92 -2.47
C MET A 138 13.37 18.47 -2.08
N PRO A 139 14.59 17.89 -1.94
CA PRO A 139 14.86 16.71 -1.13
C PRO A 139 14.66 16.65 0.36
N GLY A 140 14.85 17.76 1.04
CA GLY A 140 14.71 17.76 2.47
C GLY A 140 13.30 17.82 2.98
N MET A 141 12.41 18.46 2.19
CA MET A 141 10.97 18.61 2.48
C MET A 141 10.28 17.28 2.32
N THR A 142 10.71 16.45 1.37
CA THR A 142 10.31 15.05 1.08
C THR A 142 10.67 14.08 2.21
N ALA A 143 11.76 14.39 2.93
CA ALA A 143 12.12 13.68 4.11
C ALA A 143 11.35 14.13 5.36
N TYR A 144 10.97 15.42 5.55
CA TYR A 144 10.14 15.94 6.66
C TYR A 144 8.72 15.37 6.56
N ALA A 145 8.15 15.63 5.36
CA ALA A 145 6.81 15.27 4.91
C ALA A 145 6.44 13.79 4.78
N GLY A 146 7.43 13.05 4.26
CA GLY A 146 7.39 11.63 4.12
C GLY A 146 7.64 10.84 5.37
N PHE A 147 8.43 11.36 6.32
CA PHE A 147 8.53 10.64 7.56
C PHE A 147 7.44 11.04 8.58
N TYR A 148 7.09 12.31 8.73
CA TYR A 148 6.22 12.70 9.83
C TYR A 148 4.73 12.59 9.66
N GLU A 149 4.25 12.63 8.40
CA GLU A 149 2.84 12.42 8.11
C GLU A 149 2.56 10.99 7.66
N VAL A 150 3.21 10.58 6.55
CA VAL A 150 3.03 9.36 5.77
C VAL A 150 3.52 8.02 6.38
N CYS A 151 4.60 8.12 7.16
CA CYS A 151 5.19 6.96 7.83
C CYS A 151 4.59 6.75 9.19
N SER A 152 3.91 7.77 9.74
CA SER A 152 3.29 7.92 11.07
C SER A 152 4.01 7.18 12.24
N PRO A 153 5.18 7.75 12.73
CA PRO A 153 6.09 7.10 13.67
C PRO A 153 5.95 7.18 15.18
N LYS A 154 6.21 6.03 15.79
CA LYS A 154 6.40 5.99 17.22
C LYS A 154 7.87 5.60 17.46
N GLU A 155 8.41 5.96 18.64
CA GLU A 155 9.77 5.64 19.07
C GLU A 155 9.97 4.21 19.51
N GLY A 156 11.17 3.75 19.15
CA GLY A 156 11.60 2.37 19.36
C GLY A 156 11.44 1.60 18.08
N GLU A 157 10.39 1.95 17.31
CA GLU A 157 10.00 1.39 16.01
C GLU A 157 11.08 1.46 14.97
N THR A 158 11.18 0.39 14.18
CA THR A 158 12.29 0.22 13.29
C THR A 158 11.99 0.71 11.89
N VAL A 159 12.87 1.62 11.40
CA VAL A 159 12.82 2.30 10.07
C VAL A 159 13.83 1.69 9.09
N TYR A 160 13.42 1.49 7.83
CA TYR A 160 14.33 1.06 6.80
C TYR A 160 14.25 2.07 5.70
N VAL A 161 15.47 2.51 5.35
CA VAL A 161 15.67 3.47 4.27
C VAL A 161 16.54 2.83 3.18
N SER A 162 16.02 2.94 1.96
CA SER A 162 16.66 2.55 0.70
C SER A 162 17.13 3.83 0.04
N ALA A 163 18.30 3.85 -0.66
CA ALA A 163 19.04 5.00 -1.23
C ALA A 163 19.10 6.21 -0.26
N ALA A 164 19.63 5.61 0.83
CA ALA A 164 19.91 6.13 2.16
C ALA A 164 21.04 7.13 2.27
N SER A 165 21.90 6.90 1.27
CA SER A 165 23.13 7.53 0.82
C SER A 165 22.88 8.97 0.44
N GLY A 166 21.79 9.09 -0.34
CA GLY A 166 21.44 10.30 -1.00
C GLY A 166 20.43 11.12 -0.31
N ALA A 167 20.25 12.22 -1.03
CA ALA A 167 19.37 13.36 -0.82
C ALA A 167 18.23 13.38 0.22
N VAL A 168 17.24 12.55 -0.08
CA VAL A 168 16.04 12.37 0.73
C VAL A 168 16.37 11.43 1.87
N GLY A 169 17.03 10.31 1.51
CA GLY A 169 17.41 9.22 2.37
C GLY A 169 18.21 9.56 3.61
N GLN A 170 19.15 10.52 3.52
CA GLN A 170 20.02 10.88 4.65
C GLN A 170 19.48 11.79 5.72
N LEU A 171 18.36 12.48 5.37
CA LEU A 171 17.62 13.23 6.37
C LEU A 171 16.62 12.30 7.05
N VAL A 172 15.95 11.32 6.41
CA VAL A 172 14.93 10.40 6.96
C VAL A 172 15.39 9.60 8.18
N GLY A 173 16.67 9.23 8.03
CA GLY A 173 17.42 8.46 8.99
C GLY A 173 17.96 9.21 10.18
N GLN A 174 18.28 10.50 9.92
CA GLN A 174 18.74 11.45 10.91
C GLN A 174 17.64 11.92 11.80
N LEU A 175 16.43 12.06 11.20
CA LEU A 175 15.17 12.43 11.90
C LEU A 175 14.59 11.30 12.75
N ALA A 176 14.89 10.04 12.33
CA ALA A 176 14.56 8.82 13.05
C ALA A 176 15.46 8.52 14.24
N LYS A 177 16.81 8.75 14.20
CA LYS A 177 17.75 8.57 15.32
C LYS A 177 17.95 9.90 16.07
N MET A 178 16.79 10.54 16.19
CA MET A 178 16.54 11.82 16.85
C MET A 178 15.22 11.69 17.57
N MET A 179 14.34 10.82 17.04
CA MET A 179 13.03 10.49 17.58
C MET A 179 13.13 9.40 18.64
N GLY A 180 13.98 8.40 18.33
CA GLY A 180 14.26 7.26 19.19
C GLY A 180 14.05 5.90 18.53
N CYS A 181 14.13 5.91 17.19
CA CYS A 181 13.99 4.77 16.30
C CYS A 181 15.34 4.13 15.97
N TYR A 182 15.31 2.81 15.64
CA TYR A 182 16.43 2.03 15.14
C TYR A 182 16.28 2.15 13.60
N VAL A 183 17.32 2.70 12.95
CA VAL A 183 17.39 3.02 11.51
C VAL A 183 18.51 2.22 10.87
N VAL A 184 18.12 1.59 9.74
CA VAL A 184 18.99 0.81 8.87
C VAL A 184 18.80 1.40 7.48
N GLY A 185 19.95 1.60 6.86
CA GLY A 185 20.05 2.07 5.50
C GLY A 185 20.75 1.11 4.58
N SER A 186 20.56 1.24 3.27
CA SER A 186 21.27 0.48 2.27
C SER A 186 21.74 1.45 1.22
N ALA A 187 22.92 1.15 0.67
CA ALA A 187 23.58 1.91 -0.38
C ALA A 187 24.43 1.01 -1.29
N GLY A 188 24.85 1.55 -2.45
CA GLY A 188 25.56 0.89 -3.56
C GLY A 188 27.02 0.50 -3.42
N SER A 189 27.91 1.42 -3.01
CA SER A 189 29.34 1.17 -2.77
C SER A 189 29.69 1.24 -1.30
N LYS A 190 30.92 0.76 -0.97
CA LYS A 190 31.49 0.64 0.38
C LYS A 190 31.66 1.96 1.03
N GLU A 191 32.04 3.00 0.25
CA GLU A 191 32.24 4.36 0.76
C GLU A 191 30.94 5.10 1.10
N LYS A 192 29.88 4.77 0.33
CA LYS A 192 28.50 5.22 0.57
C LYS A 192 27.86 4.58 1.81
N VAL A 193 28.12 3.27 2.03
CA VAL A 193 27.71 2.47 3.20
C VAL A 193 28.49 2.87 4.46
N ASP A 194 29.73 3.38 4.33
CA ASP A 194 30.54 3.77 5.48
C ASP A 194 30.15 5.06 6.13
N LEU A 195 29.47 5.94 5.38
CA LEU A 195 28.92 7.22 5.82
C LEU A 195 27.70 7.17 6.72
N LEU A 196 26.90 6.10 6.51
CA LEU A 196 25.65 5.83 7.22
C LEU A 196 25.82 5.53 8.68
N LYS A 197 26.95 4.89 8.97
CA LYS A 197 27.44 4.60 10.32
C LYS A 197 28.45 5.67 10.85
N THR A 198 29.35 6.29 10.03
CA THR A 198 30.37 7.31 10.46
C THR A 198 29.78 8.68 10.80
N LYS A 199 29.02 9.20 9.83
CA LYS A 199 28.49 10.57 9.82
C LYS A 199 27.05 10.76 10.26
N PHE A 200 26.14 9.99 9.64
CA PHE A 200 24.71 10.09 9.86
C PHE A 200 24.18 9.28 11.00
N GLY A 201 25.04 8.32 11.37
CA GLY A 201 25.02 7.49 12.58
C GLY A 201 23.77 6.70 12.84
N PHE A 202 23.58 5.80 11.86
CA PHE A 202 22.50 4.82 11.84
C PHE A 202 22.98 3.64 12.65
N ASP A 203 22.06 2.71 12.86
CA ASP A 203 22.33 1.58 13.72
C ASP A 203 23.05 0.40 13.09
N ASP A 204 22.69 0.25 11.81
CA ASP A 204 23.20 -0.72 10.87
C ASP A 204 22.93 -0.09 9.51
N ALA A 205 23.65 -0.74 8.61
CA ALA A 205 23.71 -0.52 7.20
C ALA A 205 24.35 -1.76 6.59
N PHE A 206 24.02 -1.90 5.29
CA PHE A 206 24.53 -2.92 4.40
C PHE A 206 24.69 -2.39 2.98
N ASN A 207 25.45 -3.16 2.18
CA ASN A 207 25.64 -2.88 0.76
C ASN A 207 24.70 -3.84 0.01
N TYR A 208 23.62 -3.33 -0.65
CA TYR A 208 22.65 -4.21 -1.34
C TYR A 208 23.18 -4.98 -2.57
N LYS A 209 24.29 -4.39 -3.07
CA LYS A 209 25.06 -4.90 -4.20
C LYS A 209 25.95 -6.07 -3.80
N GLU A 210 26.29 -6.13 -2.50
CA GLU A 210 26.98 -7.25 -1.90
C GLU A 210 26.04 -8.33 -1.39
N GLU A 211 24.73 -8.10 -1.54
CA GLU A 211 23.70 -9.03 -1.16
C GLU A 211 23.02 -9.65 -2.37
N SER A 212 23.38 -10.93 -2.29
CA SER A 212 22.91 -12.06 -3.09
C SER A 212 21.61 -12.66 -2.49
N ASP A 213 21.46 -12.22 -1.23
CA ASP A 213 20.51 -12.60 -0.20
C ASP A 213 19.68 -11.41 0.33
N LEU A 214 18.91 -10.60 -0.46
CA LEU A 214 18.20 -9.39 0.02
C LEU A 214 17.12 -9.43 1.07
N THR A 215 16.46 -10.60 1.15
CA THR A 215 15.39 -10.95 2.09
C THR A 215 16.06 -11.42 3.37
N ALA A 216 17.12 -12.23 3.26
CA ALA A 216 17.96 -12.70 4.34
C ALA A 216 18.89 -11.68 5.06
N ALA A 217 19.20 -10.62 4.28
CA ALA A 217 19.97 -9.39 4.59
C ALA A 217 19.26 -8.51 5.59
N LEU A 218 17.95 -8.42 5.24
CA LEU A 218 16.95 -7.72 6.00
C LEU A 218 16.48 -8.53 7.18
N LYS A 219 16.55 -9.89 7.17
CA LYS A 219 16.23 -10.70 8.33
C LYS A 219 17.37 -10.64 9.33
N ARG A 220 18.62 -10.45 8.82
CA ARG A 220 19.83 -10.25 9.61
C ARG A 220 19.75 -8.90 10.33
N CYS A 221 19.53 -7.78 9.60
CA CYS A 221 19.49 -6.40 10.16
C CYS A 221 18.40 -6.03 11.16
N PHE A 222 17.31 -6.82 11.07
CA PHE A 222 16.09 -6.72 11.85
C PHE A 222 15.76 -8.09 12.46
N PRO A 223 16.23 -8.50 13.68
CA PRO A 223 15.70 -9.65 14.48
C PRO A 223 14.28 -9.60 15.08
N ASN A 224 13.70 -8.40 14.82
CA ASN A 224 12.48 -7.80 15.37
C ASN A 224 11.57 -7.19 14.31
N GLY A 225 12.00 -7.20 13.02
CA GLY A 225 11.18 -6.77 11.87
C GLY A 225 11.18 -5.27 11.61
N ILE A 226 10.47 -4.92 10.53
CA ILE A 226 10.38 -3.59 10.00
C ILE A 226 8.95 -3.10 10.14
N ASP A 227 8.89 -2.01 10.90
CA ASP A 227 7.67 -1.26 11.15
C ASP A 227 7.42 -0.19 10.12
N ILE A 228 8.45 0.58 9.79
CA ILE A 228 8.41 1.68 8.84
C ILE A 228 9.44 1.34 7.73
N TYR A 229 9.06 1.77 6.52
CA TYR A 229 9.92 1.77 5.35
C TYR A 229 9.58 3.06 4.61
N PHE A 230 10.73 3.53 4.17
CA PHE A 230 10.82 4.66 3.29
C PHE A 230 11.38 4.13 1.96
N GLU A 231 10.42 3.96 1.05
CA GLU A 231 10.64 3.48 -0.31
C GLU A 231 11.04 4.54 -1.32
N ASN A 232 12.32 4.47 -1.69
CA ASN A 232 12.94 5.29 -2.70
C ASN A 232 13.30 4.50 -3.97
N VAL A 233 13.50 3.15 -3.83
CA VAL A 233 13.98 2.16 -4.80
C VAL A 233 13.00 1.23 -5.51
N GLY A 234 12.38 0.18 -4.93
CA GLY A 234 11.43 -0.71 -5.60
C GLY A 234 11.94 -1.99 -6.19
N GLY A 235 10.84 -2.65 -6.56
CA GLY A 235 10.84 -3.93 -7.23
C GLY A 235 11.18 -5.09 -6.31
N LYS A 236 12.47 -5.43 -6.47
CA LYS A 236 13.16 -6.51 -5.79
C LYS A 236 13.30 -6.18 -4.31
N MET A 237 13.48 -4.87 -3.97
CA MET A 237 13.60 -4.46 -2.57
C MET A 237 12.27 -4.41 -1.88
N LEU A 238 11.17 -3.94 -2.55
CA LEU A 238 9.80 -3.99 -2.01
C LEU A 238 9.37 -5.42 -1.73
N ASP A 239 9.70 -6.45 -2.57
CA ASP A 239 9.41 -7.88 -2.40
C ASP A 239 9.93 -8.48 -1.09
N ALA A 240 11.17 -8.10 -0.76
CA ALA A 240 11.98 -8.45 0.41
C ALA A 240 11.58 -7.81 1.74
N VAL A 241 11.13 -6.57 1.55
CA VAL A 241 10.65 -5.72 2.64
C VAL A 241 9.28 -6.23 3.02
N LEU A 242 8.39 -6.48 2.05
CA LEU A 242 7.11 -7.12 2.26
C LEU A 242 7.09 -8.44 3.00
N VAL A 243 8.22 -9.15 3.03
CA VAL A 243 8.42 -10.40 3.76
C VAL A 243 8.91 -10.03 5.14
N ASN A 244 9.87 -9.07 5.23
CA ASN A 244 10.43 -8.78 6.59
C ASN A 244 9.65 -7.84 7.53
N MET A 245 8.48 -7.41 7.08
CA MET A 245 7.58 -6.53 7.79
C MET A 245 6.91 -7.03 9.08
N ASN A 246 6.19 -6.10 9.73
CA ASN A 246 5.49 -6.33 10.98
C ASN A 246 4.04 -5.88 10.90
N MET A 247 3.26 -6.33 11.91
CA MET A 247 1.85 -6.01 12.15
C MET A 247 1.78 -4.51 12.40
N HIS A 248 1.02 -3.90 11.46
CA HIS A 248 0.74 -2.46 11.20
C HIS A 248 2.03 -1.72 10.98
N GLY A 249 2.47 -2.16 9.79
CA GLY A 249 3.70 -1.78 9.18
C GLY A 249 3.39 -0.80 8.12
N ARG A 250 3.82 0.45 8.27
CA ARG A 250 3.61 1.51 7.26
C ARG A 250 4.72 1.54 6.22
N ILE A 251 4.43 1.67 4.89
CA ILE A 251 5.41 1.91 3.82
C ILE A 251 5.01 3.26 3.22
N ALA A 252 6.05 4.12 3.15
CA ALA A 252 6.01 5.44 2.53
C ALA A 252 6.70 5.43 1.17
N VAL A 253 5.93 5.48 0.07
CA VAL A 253 6.44 5.38 -1.29
C VAL A 253 6.61 6.76 -1.84
N CYS A 254 7.92 7.03 -1.73
CA CYS A 254 8.50 8.26 -2.24
C CYS A 254 8.86 8.11 -3.72
N GLY A 255 9.62 7.06 -4.03
CA GLY A 255 10.08 6.82 -5.37
C GLY A 255 10.12 5.37 -5.65
N MET A 256 10.63 5.20 -6.86
CA MET A 256 10.89 3.91 -7.47
C MET A 256 12.08 4.01 -8.46
N ILE A 257 13.36 4.38 -8.09
CA ILE A 257 14.52 4.62 -9.02
C ILE A 257 14.96 3.42 -9.85
N SER A 258 14.64 2.20 -9.32
CA SER A 258 14.73 0.89 -10.01
C SER A 258 13.97 0.72 -11.34
N GLN A 259 12.93 1.55 -11.51
CA GLN A 259 11.90 1.48 -12.55
C GLN A 259 11.77 2.52 -13.65
N TYR A 260 12.26 3.73 -13.36
CA TYR A 260 12.24 4.94 -14.21
C TYR A 260 12.94 4.82 -15.57
N ASN A 261 14.09 4.14 -15.44
CA ASN A 261 15.09 3.82 -16.46
C ASN A 261 14.88 2.52 -17.27
N LEU A 262 13.74 1.87 -16.97
CA LEU A 262 13.20 0.62 -17.52
C LEU A 262 11.91 0.80 -18.31
N GLU A 263 11.83 0.14 -19.50
CA GLU A 263 10.63 0.20 -20.35
C GLU A 263 9.56 -0.76 -19.85
N ASN A 264 9.90 -2.06 -19.76
CA ASN A 264 9.05 -3.12 -19.23
C ASN A 264 9.71 -3.53 -17.93
N GLN A 265 9.05 -2.78 -17.03
CA GLN A 265 9.37 -2.67 -15.60
C GLN A 265 8.95 -3.77 -14.60
N GLU A 266 9.86 -4.09 -13.65
CA GLU A 266 9.78 -5.16 -12.63
C GLU A 266 8.50 -5.22 -11.81
N GLY A 267 8.10 -6.49 -11.64
CA GLY A 267 6.91 -6.95 -10.98
C GLY A 267 7.13 -7.41 -9.57
N VAL A 268 6.23 -6.89 -8.71
CA VAL A 268 6.18 -7.14 -7.27
C VAL A 268 5.14 -8.25 -6.97
N HIS A 269 5.68 -9.27 -6.30
CA HIS A 269 5.07 -10.57 -6.04
C HIS A 269 4.39 -10.89 -4.73
N ASN A 270 4.95 -10.24 -3.71
CA ASN A 270 4.62 -10.40 -2.31
C ASN A 270 3.63 -9.42 -1.66
N LEU A 271 2.71 -8.87 -2.47
CA LEU A 271 1.69 -7.91 -2.06
C LEU A 271 0.55 -8.51 -1.26
N SER A 272 0.53 -9.85 -1.11
CA SER A 272 -0.39 -10.66 -0.31
C SER A 272 -0.11 -10.49 1.19
N ASN A 273 1.12 -10.06 1.55
CA ASN A 273 1.60 -9.77 2.89
C ASN A 273 1.19 -8.37 3.38
N ILE A 274 0.08 -7.83 2.82
CA ILE A 274 -0.58 -6.57 3.14
C ILE A 274 -1.82 -6.98 3.93
N ILE A 275 -2.51 -8.12 3.67
CA ILE A 275 -3.73 -8.57 4.34
C ILE A 275 -3.36 -9.06 5.75
N TYR A 276 -2.45 -10.04 5.73
CA TYR A 276 -1.82 -10.77 6.84
C TYR A 276 -1.15 -9.85 7.85
N LYS A 277 -0.12 -9.13 7.38
CA LYS A 277 0.73 -8.21 8.12
C LYS A 277 0.19 -6.76 8.31
N ARG A 278 -1.12 -6.55 7.97
CA ARG A 278 -1.99 -5.36 8.10
C ARG A 278 -1.40 -3.97 7.79
N ASN A 279 -0.73 -4.02 6.59
CA ASN A 279 0.05 -2.95 5.93
C ASN A 279 -0.61 -1.92 5.03
N ARG A 280 -0.09 -0.70 5.24
CA ARG A 280 -0.41 0.53 4.54
C ARG A 280 0.78 0.92 3.68
N ILE A 281 0.47 1.01 2.39
CA ILE A 281 1.38 1.52 1.36
C ILE A 281 0.63 2.75 0.82
N GLN A 282 1.20 3.93 1.13
CA GLN A 282 0.74 5.29 0.77
C GLN A 282 1.88 6.01 0.07
N GLY A 283 1.49 6.41 -1.14
CA GLY A 283 2.33 7.15 -2.04
C GLY A 283 2.06 8.62 -1.89
N PHE A 284 3.12 9.45 -1.91
CA PHE A 284 2.99 10.90 -1.84
C PHE A 284 3.88 11.63 -2.86
N VAL A 285 3.53 12.90 -2.98
CA VAL A 285 4.17 13.97 -3.76
C VAL A 285 4.45 15.10 -2.72
N VAL A 286 5.70 15.61 -2.67
CA VAL A 286 6.20 16.69 -1.80
C VAL A 286 5.46 18.03 -1.89
N SER A 287 5.04 18.41 -3.12
CA SER A 287 4.32 19.61 -3.53
C SER A 287 3.07 20.05 -2.75
N ASP A 288 2.51 18.97 -2.19
CA ASP A 288 1.34 18.96 -1.35
C ASP A 288 1.54 19.43 0.08
N PHE A 289 2.80 19.33 0.49
CA PHE A 289 3.19 19.62 1.85
C PHE A 289 3.95 20.94 1.97
N TYR A 290 4.12 21.72 0.89
CA TYR A 290 4.87 22.97 0.84
C TYR A 290 4.43 24.15 1.69
N ASP A 291 3.23 23.99 2.28
CA ASP A 291 2.58 24.86 3.25
C ASP A 291 3.20 24.68 4.64
N LYS A 292 3.84 23.51 4.83
CA LYS A 292 4.62 23.11 6.01
C LYS A 292 6.16 23.33 5.83
N TYR A 293 6.62 24.08 4.81
CA TYR A 293 8.01 24.45 4.59
C TYR A 293 8.59 25.37 5.68
N SER A 294 7.90 26.46 6.13
CA SER A 294 8.37 27.38 7.20
C SER A 294 8.46 26.74 8.58
N LYS A 295 7.55 25.75 8.77
CA LYS A 295 7.41 24.84 9.92
C LYS A 295 8.61 23.90 9.99
N PHE A 296 9.03 23.41 8.77
CA PHE A 296 10.21 22.57 8.54
C PHE A 296 11.50 23.33 8.77
N LEU A 297 11.69 24.49 8.08
CA LEU A 297 12.83 25.39 8.26
C LEU A 297 13.14 25.82 9.67
N GLU A 298 12.11 26.24 10.44
CA GLU A 298 12.27 26.64 11.82
C GLU A 298 12.39 25.44 12.78
N PHE A 299 12.21 24.18 12.30
CA PHE A 299 12.55 22.95 13.04
C PHE A 299 14.02 22.58 12.76
N VAL A 300 14.41 22.42 11.46
CA VAL A 300 15.74 21.94 11.09
C VAL A 300 16.86 22.97 11.16
N LEU A 301 16.72 24.31 10.92
CA LEU A 301 17.85 25.23 11.04
C LEU A 301 18.39 25.36 12.45
N PRO A 302 17.73 25.34 13.66
CA PRO A 302 18.37 25.09 14.96
C PRO A 302 19.29 23.90 15.05
N HIS A 303 18.94 22.83 14.33
CA HIS A 303 19.69 21.58 14.30
C HIS A 303 20.83 21.52 13.29
N ILE A 304 20.80 22.23 12.13
CA ILE A 304 21.91 22.22 11.14
C ILE A 304 23.02 23.12 11.66
N ARG A 305 22.66 24.35 12.12
CA ARG A 305 23.52 25.34 12.76
C ARG A 305 24.29 24.78 13.95
N GLU A 306 23.74 23.75 14.60
CA GLU A 306 24.24 23.11 15.78
C GLU A 306 25.07 21.87 15.67
N GLY A 307 24.97 21.27 14.48
CA GLY A 307 25.61 20.01 14.16
C GLY A 307 24.84 18.76 14.62
N LYS A 308 23.49 18.77 14.78
CA LYS A 308 22.68 17.57 15.00
C LYS A 308 22.37 16.96 13.61
N ILE A 309 21.85 17.78 12.69
CA ILE A 309 21.61 17.40 11.31
C ILE A 309 22.80 17.93 10.47
N THR A 310 23.29 17.03 9.59
CA THR A 310 24.36 17.27 8.61
C THR A 310 23.86 16.89 7.20
N TYR A 311 24.82 16.90 6.24
CA TYR A 311 24.67 16.59 4.83
C TYR A 311 25.96 16.40 4.04
N VAL A 312 25.94 15.32 3.22
CA VAL A 312 26.93 15.02 2.19
C VAL A 312 26.27 15.23 0.82
N GLU A 313 27.08 16.03 0.11
CA GLU A 313 26.92 16.50 -1.26
C GLU A 313 28.11 16.14 -2.14
N ASP A 314 27.75 15.80 -3.40
CA ASP A 314 28.69 15.61 -4.50
C ASP A 314 28.48 16.89 -5.30
N VAL A 315 29.64 17.57 -5.41
CA VAL A 315 29.84 18.95 -5.85
C VAL A 315 29.92 19.45 -7.28
N ALA A 316 30.15 18.59 -8.31
CA ALA A 316 30.25 18.82 -9.77
C ALA A 316 30.29 20.24 -10.35
N ASP A 317 31.52 20.79 -10.24
CA ASP A 317 31.81 22.18 -10.61
C ASP A 317 31.77 22.48 -12.12
N GLY A 318 30.61 23.05 -12.50
CA GLY A 318 30.34 23.53 -13.86
C GLY A 318 29.20 22.89 -14.63
N LEU A 319 28.52 23.74 -15.42
CA LEU A 319 27.39 23.41 -16.32
C LEU A 319 27.73 22.43 -17.46
N GLU A 320 29.05 22.33 -17.64
CA GLU A 320 29.82 21.51 -18.53
C GLU A 320 29.69 20.07 -18.10
N LYS A 321 29.89 19.81 -16.78
CA LYS A 321 29.77 18.49 -16.17
C LYS A 321 28.48 18.51 -15.35
N ALA A 322 27.41 18.46 -16.16
CA ALA A 322 26.01 18.46 -15.74
C ALA A 322 25.12 17.59 -16.60
N PRO A 323 25.30 17.24 -17.92
CA PRO A 323 24.91 15.96 -18.54
C PRO A 323 25.51 14.77 -17.82
N GLU A 324 26.84 14.84 -17.50
CA GLU A 324 27.66 13.92 -16.72
C GLU A 324 27.13 13.53 -15.38
N ALA A 325 26.59 14.57 -14.71
CA ALA A 325 26.04 14.53 -13.35
C ALA A 325 24.63 13.98 -13.24
N LEU A 326 23.72 14.24 -14.23
CA LEU A 326 22.36 13.68 -14.21
C LEU A 326 22.37 12.20 -14.58
N VAL A 327 23.19 11.80 -15.58
CA VAL A 327 23.47 10.42 -16.05
C VAL A 327 23.93 9.47 -14.91
N GLY A 328 24.88 10.05 -14.14
CA GLY A 328 25.49 9.53 -12.95
C GLY A 328 24.59 9.10 -11.79
N LEU A 329 23.31 9.54 -11.66
CA LEU A 329 22.37 9.16 -10.60
C LEU A 329 21.78 7.79 -10.70
N PHE A 330 21.58 7.37 -11.95
CA PHE A 330 20.90 6.12 -12.33
C PHE A 330 21.69 4.83 -12.26
N HIS A 331 22.94 5.12 -11.82
CA HIS A 331 24.03 4.21 -11.53
C HIS A 331 24.50 4.53 -10.11
N GLY A 332 24.52 5.80 -9.66
CA GLY A 332 24.95 6.17 -8.32
C GLY A 332 26.43 6.45 -8.19
N LYS A 333 26.76 7.56 -8.83
CA LYS A 333 28.08 8.15 -8.77
C LYS A 333 28.07 9.21 -7.70
N ASN A 334 26.85 9.74 -7.47
CA ASN A 334 26.53 10.64 -6.36
C ASN A 334 26.78 10.06 -4.97
N VAL A 335 27.86 10.57 -4.36
CA VAL A 335 28.16 10.28 -2.95
C VAL A 335 27.63 11.54 -2.23
N GLY A 336 26.34 11.24 -1.97
CA GLY A 336 25.30 12.05 -1.36
C GLY A 336 24.40 12.70 -2.40
N LYS A 337 24.17 14.02 -2.25
CA LYS A 337 23.31 14.80 -3.12
C LYS A 337 24.07 15.49 -4.23
N GLN A 338 23.55 15.25 -5.43
CA GLN A 338 24.17 15.80 -6.62
C GLN A 338 23.75 17.18 -7.13
N VAL A 339 24.63 18.09 -6.68
CA VAL A 339 24.65 19.52 -6.99
C VAL A 339 25.61 19.76 -8.15
N VAL A 340 25.28 20.81 -8.92
CA VAL A 340 26.14 21.43 -9.93
C VAL A 340 26.35 22.86 -9.42
N VAL A 341 27.59 23.40 -9.53
CA VAL A 341 27.93 24.82 -9.21
C VAL A 341 27.91 25.42 -10.62
N VAL A 342 27.09 26.45 -10.86
CA VAL A 342 27.07 27.13 -12.17
C VAL A 342 27.85 28.42 -11.98
N ALA A 343 27.66 29.06 -10.81
CA ALA A 343 28.28 30.27 -10.32
C ALA A 343 28.51 30.26 -8.80
N ARG A 344 29.78 30.56 -8.49
CA ARG A 344 30.29 30.60 -7.12
C ARG A 344 29.94 31.84 -6.30
N GLU A 345 30.03 33.07 -6.85
CA GLU A 345 29.64 34.31 -6.15
C GLU A 345 28.36 34.94 -6.73
N MET B 1 -24.63 -39.60 28.49
CA MET B 1 -25.13 -39.67 27.11
C MET B 1 -24.06 -39.47 26.04
N THR B 2 -24.03 -40.38 25.04
CA THR B 2 -23.08 -40.44 23.93
C THR B 2 -23.67 -40.00 22.58
N ALA B 3 -22.71 -39.40 21.83
CA ALA B 3 -22.85 -38.98 20.43
C ALA B 3 -21.76 -39.57 19.56
N THR B 4 -22.23 -39.87 18.34
CA THR B 4 -21.48 -40.50 17.26
C THR B 4 -21.24 -39.31 16.33
N ASN B 5 -20.03 -38.76 16.59
CA ASN B 5 -19.47 -37.56 15.99
C ASN B 5 -18.52 -37.66 14.77
N LYS B 6 -19.12 -37.44 13.56
CA LYS B 6 -18.43 -37.38 12.26
C LYS B 6 -17.65 -36.06 12.18
N GLN B 7 -16.47 -36.19 11.55
CA GLN B 7 -15.47 -35.16 11.35
C GLN B 7 -14.95 -35.07 9.96
N VAL B 8 -14.47 -33.87 9.59
CA VAL B 8 -13.66 -33.65 8.40
C VAL B 8 -12.29 -33.12 8.91
N ILE B 9 -11.36 -34.03 8.59
CA ILE B 9 -9.91 -34.00 8.81
C ILE B 9 -9.19 -33.49 7.53
N LEU B 10 -7.97 -32.96 7.65
CA LEU B 10 -7.06 -32.58 6.56
C LEU B 10 -5.98 -33.66 6.61
N LYS B 11 -5.58 -34.24 5.45
CA LYS B 11 -4.56 -35.29 5.36
C LYS B 11 -3.14 -34.86 5.76
N ASP B 12 -2.58 -33.92 4.98
CA ASP B 12 -1.32 -33.20 5.12
C ASP B 12 -1.56 -31.98 4.21
N TYR B 13 -0.65 -31.03 4.39
CA TYR B 13 -0.58 -29.74 3.69
C TYR B 13 -0.75 -29.61 2.18
N VAL B 14 -1.41 -28.51 1.78
CA VAL B 14 -1.67 -28.18 0.38
C VAL B 14 -0.52 -27.33 -0.24
N SER B 15 -0.25 -27.78 -1.48
CA SER B 15 0.54 -27.11 -2.50
C SER B 15 -0.40 -27.11 -3.72
N GLY B 16 -0.59 -25.86 -4.20
CA GLY B 16 -1.50 -25.49 -5.28
C GLY B 16 -2.94 -25.38 -4.77
N PHE B 17 -3.88 -25.80 -5.63
CA PHE B 17 -5.31 -25.89 -5.37
C PHE B 17 -5.75 -27.02 -4.41
N PRO B 18 -6.80 -26.93 -3.54
CA PRO B 18 -7.48 -28.06 -2.91
C PRO B 18 -8.46 -28.77 -3.83
N THR B 19 -8.47 -30.03 -3.40
CA THR B 19 -9.18 -31.18 -3.95
C THR B 19 -9.97 -31.82 -2.79
N GLU B 20 -10.92 -32.74 -3.04
CA GLU B 20 -11.72 -33.48 -2.02
C GLU B 20 -10.98 -34.59 -1.29
N SER B 21 -9.78 -34.82 -1.86
CA SER B 21 -8.74 -35.78 -1.55
C SER B 21 -7.72 -35.33 -0.53
N ASP B 22 -7.60 -34.01 -0.31
CA ASP B 22 -6.64 -33.46 0.67
C ASP B 22 -7.20 -33.39 2.07
N PHE B 23 -8.44 -33.87 2.08
CA PHE B 23 -9.38 -34.00 3.18
C PHE B 23 -9.79 -35.46 3.28
N ASP B 24 -10.04 -35.82 4.54
CA ASP B 24 -10.49 -37.17 4.94
C ASP B 24 -11.55 -37.12 6.05
N PHE B 25 -12.17 -38.28 6.33
CA PHE B 25 -13.25 -38.49 7.29
C PHE B 25 -13.05 -39.51 8.39
N THR B 26 -13.47 -39.11 9.59
CA THR B 26 -13.50 -39.99 10.75
C THR B 26 -14.81 -39.78 11.50
N THR B 27 -15.01 -40.65 12.51
CA THR B 27 -16.07 -40.67 13.52
C THR B 27 -15.35 -40.87 14.85
N THR B 28 -15.85 -40.10 15.82
CA THR B 28 -15.46 -40.02 17.24
C THR B 28 -16.68 -40.30 18.15
N THR B 29 -16.45 -40.50 19.46
CA THR B 29 -17.47 -40.58 20.48
C THR B 29 -17.26 -39.36 21.35
N VAL B 30 -18.36 -38.58 21.50
CA VAL B 30 -18.39 -37.41 22.38
C VAL B 30 -19.46 -37.60 23.45
N GLU B 31 -19.01 -37.48 24.72
CA GLU B 31 -19.87 -37.46 25.93
C GLU B 31 -20.47 -36.04 26.14
N LEU B 32 -21.82 -36.01 26.26
CA LEU B 32 -22.66 -34.82 26.39
C LEU B 32 -22.70 -34.09 27.75
N ARG B 33 -21.61 -34.34 28.47
CA ARG B 33 -21.23 -33.93 29.80
C ARG B 33 -21.07 -32.42 29.95
N VAL B 34 -21.49 -31.96 31.15
CA VAL B 34 -21.41 -30.59 31.69
C VAL B 34 -19.96 -30.08 31.99
N PRO B 35 -19.14 -29.69 30.97
CA PRO B 35 -17.69 -29.96 30.90
C PRO B 35 -16.67 -29.14 31.72
N GLU B 36 -15.83 -29.87 32.49
CA GLU B 36 -14.74 -29.31 33.32
C GLU B 36 -13.46 -29.27 32.49
N GLY B 37 -13.18 -28.00 32.17
CA GLY B 37 -12.00 -27.53 31.43
C GLY B 37 -11.56 -26.29 32.15
N THR B 38 -12.21 -25.20 31.67
CA THR B 38 -12.31 -23.78 32.08
C THR B 38 -13.02 -23.02 30.94
N ASN B 39 -14.14 -22.36 31.35
CA ASN B 39 -15.09 -21.51 30.59
C ASN B 39 -15.58 -21.97 29.22
N SER B 40 -15.63 -23.30 29.27
CA SER B 40 -15.85 -24.20 28.15
C SER B 40 -17.24 -24.77 28.12
N VAL B 41 -17.74 -24.61 26.87
CA VAL B 41 -19.07 -25.07 26.49
C VAL B 41 -19.02 -26.20 25.46
N LEU B 42 -19.88 -27.24 25.64
CA LEU B 42 -20.08 -28.29 24.64
C LEU B 42 -21.26 -27.81 23.80
N VAL B 43 -20.86 -27.54 22.56
CA VAL B 43 -21.78 -27.13 21.53
C VAL B 43 -22.10 -28.27 20.56
N LYS B 44 -23.06 -28.02 19.67
CA LYS B 44 -23.52 -28.89 18.61
C LYS B 44 -23.51 -27.92 17.45
N ASN B 45 -22.57 -28.13 16.52
CA ASN B 45 -22.43 -27.30 15.31
C ASN B 45 -23.56 -27.56 14.34
N LEU B 46 -24.30 -26.48 14.09
CA LEU B 46 -25.44 -26.50 13.18
C LEU B 46 -25.07 -26.12 11.76
N TYR B 47 -24.39 -24.97 11.60
CA TYR B 47 -23.92 -24.47 10.32
C TYR B 47 -22.45 -24.12 10.42
N LEU B 48 -21.78 -24.25 9.30
CA LEU B 48 -20.37 -24.02 9.04
C LEU B 48 -20.19 -23.23 7.75
N SER B 49 -19.05 -22.51 7.63
CA SER B 49 -18.69 -21.79 6.43
C SER B 49 -17.40 -22.20 5.76
N CYS B 50 -17.54 -21.97 4.45
CA CYS B 50 -16.49 -22.11 3.48
C CYS B 50 -16.20 -20.69 3.05
N ASP B 51 -15.07 -20.38 3.66
CA ASP B 51 -14.40 -19.09 3.59
C ASP B 51 -13.00 -19.17 2.97
N PRO B 52 -12.48 -18.32 2.03
CA PRO B 52 -11.14 -18.50 1.51
C PRO B 52 -9.83 -18.26 2.31
N TYR B 53 -9.78 -17.88 3.63
CA TYR B 53 -8.56 -17.84 4.49
C TYR B 53 -7.94 -19.22 4.77
N MET B 54 -8.93 -20.15 4.75
CA MET B 54 -8.84 -21.57 5.00
C MET B 54 -7.79 -22.23 4.14
N ARG B 55 -7.55 -21.67 2.93
CA ARG B 55 -6.43 -22.03 2.07
C ARG B 55 -5.08 -21.62 2.65
N ILE B 56 -4.87 -20.43 3.24
CA ILE B 56 -3.56 -20.17 3.86
C ILE B 56 -3.51 -20.50 5.38
N ARG B 57 -4.52 -21.33 5.78
CA ARG B 57 -4.38 -22.18 6.99
C ARG B 57 -4.23 -23.66 6.63
N MET B 58 -4.44 -24.01 5.34
CA MET B 58 -4.18 -25.31 4.71
C MET B 58 -2.78 -25.60 4.17
N GLY B 59 -2.03 -24.57 3.72
CA GLY B 59 -0.65 -24.65 3.29
C GLY B 59 0.34 -24.77 4.47
N LYS B 60 1.63 -25.09 4.07
CA LYS B 60 2.79 -25.30 4.94
C LYS B 60 3.17 -24.06 5.79
N PRO B 61 3.63 -24.17 7.06
CA PRO B 61 4.22 -23.10 7.86
C PRO B 61 5.25 -22.08 7.32
N ASP B 62 4.58 -20.95 7.09
CA ASP B 62 5.25 -19.73 6.65
C ASP B 62 4.98 -18.59 7.64
N PRO B 63 5.92 -17.64 7.99
CA PRO B 63 5.77 -16.61 9.04
C PRO B 63 4.85 -15.43 8.79
N SER B 64 4.57 -15.24 7.49
CA SER B 64 3.76 -14.16 6.92
C SER B 64 2.26 -14.31 7.08
N THR B 65 1.84 -15.54 6.74
CA THR B 65 0.51 -16.11 6.84
C THR B 65 0.07 -16.26 8.29
N ALA B 66 1.05 -16.59 9.17
CA ALA B 66 0.94 -16.80 10.62
C ALA B 66 0.65 -15.60 11.56
N ALA B 67 -0.09 -14.67 10.92
CA ALA B 67 -0.66 -13.46 11.47
C ALA B 67 -2.18 -13.58 11.66
N LEU B 68 -2.86 -14.30 10.75
CA LEU B 68 -4.27 -14.68 10.85
C LEU B 68 -4.40 -16.18 11.09
N ALA B 69 -3.42 -16.90 10.50
CA ALA B 69 -3.24 -18.34 10.60
C ALA B 69 -2.48 -18.72 11.86
N GLN B 70 -2.71 -19.99 12.18
CA GLN B 70 -2.06 -20.73 13.25
C GLN B 70 -1.45 -21.98 12.60
N ALA B 71 -1.95 -22.25 11.34
CA ALA B 71 -1.84 -23.41 10.45
C ALA B 71 -2.53 -24.65 11.05
N TYR B 72 -3.18 -25.43 10.17
CA TYR B 72 -3.91 -26.62 10.58
C TYR B 72 -2.96 -27.78 10.83
N THR B 73 -3.20 -28.52 11.93
CA THR B 73 -2.39 -29.68 12.30
C THR B 73 -2.86 -30.84 11.39
N PRO B 74 -2.01 -31.49 10.51
CA PRO B 74 -2.25 -32.68 9.69
C PRO B 74 -3.12 -33.87 10.11
N GLY B 75 -3.43 -33.99 11.41
CA GLY B 75 -4.27 -35.06 11.93
C GLY B 75 -5.66 -34.57 12.18
N GLN B 76 -5.71 -33.92 13.35
CA GLN B 76 -6.90 -33.41 14.01
C GLN B 76 -7.66 -32.25 13.36
N PRO B 77 -9.04 -32.21 13.23
CA PRO B 77 -9.88 -31.45 12.27
C PRO B 77 -9.75 -29.97 11.95
N ILE B 78 -10.29 -29.60 10.76
CA ILE B 78 -10.28 -28.24 10.17
C ILE B 78 -11.06 -27.28 11.08
N GLN B 79 -10.46 -26.17 11.53
CA GLN B 79 -11.17 -25.08 12.22
C GLN B 79 -11.79 -24.08 11.25
N GLY B 80 -12.89 -23.48 11.75
CA GLY B 80 -13.63 -22.46 11.01
C GLY B 80 -14.88 -21.98 11.68
N TYR B 81 -15.29 -20.81 11.11
CA TYR B 81 -16.47 -20.05 11.49
C TYR B 81 -17.78 -20.72 11.08
N GLY B 82 -18.60 -20.71 12.12
CA GLY B 82 -19.91 -21.30 12.08
C GLY B 82 -20.68 -21.18 13.36
N VAL B 83 -21.99 -21.29 13.12
CA VAL B 83 -23.09 -21.21 14.12
C VAL B 83 -23.17 -22.47 14.98
N SER B 84 -23.64 -22.38 16.23
CA SER B 84 -23.61 -23.45 17.22
C SER B 84 -24.51 -23.30 18.43
N ARG B 85 -25.35 -24.30 18.72
CA ARG B 85 -26.27 -24.38 19.86
C ARG B 85 -25.59 -25.14 20.99
N ILE B 86 -25.61 -24.58 22.21
CA ILE B 86 -25.05 -25.07 23.49
C ILE B 86 -25.89 -26.24 24.06
N ILE B 87 -25.28 -27.44 24.07
CA ILE B 87 -25.85 -28.62 24.65
C ILE B 87 -24.88 -29.03 25.74
N GLU B 88 -25.13 -28.23 26.80
CA GLU B 88 -24.54 -28.09 28.14
C GLU B 88 -23.16 -27.39 28.29
N SER B 89 -23.20 -26.39 29.22
CA SER B 89 -22.20 -25.37 29.58
C SER B 89 -21.57 -25.39 30.96
N GLY B 90 -20.37 -24.75 30.96
CA GLY B 90 -19.46 -24.44 32.08
C GLY B 90 -19.00 -22.98 32.13
N HIS B 91 -19.79 -22.07 31.50
CA HIS B 91 -19.64 -20.61 31.41
C HIS B 91 -20.75 -19.85 32.21
N PRO B 92 -20.51 -18.61 32.73
CA PRO B 92 -21.56 -17.61 33.04
C PRO B 92 -22.43 -17.02 31.93
N ASP B 93 -21.86 -16.43 30.86
CA ASP B 93 -22.58 -15.74 29.75
C ASP B 93 -23.42 -16.67 28.87
N TYR B 94 -23.20 -18.01 29.02
CA TYR B 94 -23.90 -19.06 28.25
C TYR B 94 -24.48 -20.23 29.07
N LYS B 95 -25.72 -20.60 28.67
CA LYS B 95 -26.53 -21.69 29.21
C LYS B 95 -27.15 -22.61 28.15
N LYS B 96 -27.51 -23.83 28.56
CA LYS B 96 -28.07 -25.00 27.87
C LYS B 96 -29.01 -24.93 26.64
N GLY B 97 -29.41 -23.73 26.17
CA GLY B 97 -30.30 -23.52 25.03
C GLY B 97 -29.85 -22.43 24.07
N ASP B 98 -28.82 -21.64 24.51
CA ASP B 98 -28.23 -20.48 23.81
C ASP B 98 -27.45 -20.79 22.55
N LEU B 99 -27.41 -19.85 21.58
CA LEU B 99 -26.67 -20.05 20.34
C LEU B 99 -25.53 -19.03 20.24
N LEU B 100 -24.51 -19.48 19.54
CA LEU B 100 -23.18 -18.90 19.36
C LEU B 100 -22.79 -18.88 17.91
N TRP B 101 -22.06 -17.87 17.44
CA TRP B 101 -21.32 -17.99 16.20
C TRP B 101 -19.85 -17.74 16.55
N GLY B 102 -18.95 -18.42 15.82
CA GLY B 102 -17.52 -18.43 16.12
C GLY B 102 -16.75 -19.61 15.55
N ILE B 103 -15.46 -19.72 15.98
CA ILE B 103 -14.47 -20.70 15.47
C ILE B 103 -14.38 -22.05 16.26
N VAL B 104 -15.20 -22.87 15.59
CA VAL B 104 -15.48 -24.25 15.91
C VAL B 104 -14.70 -25.15 14.95
N ALA B 105 -14.49 -26.43 15.27
CA ALA B 105 -13.92 -27.35 14.31
C ALA B 105 -14.99 -27.97 13.41
N TRP B 106 -14.61 -28.56 12.27
CA TRP B 106 -15.50 -29.20 11.29
C TRP B 106 -15.95 -30.62 11.65
N GLU B 107 -16.71 -30.63 12.76
CA GLU B 107 -17.33 -31.78 13.41
C GLU B 107 -18.81 -31.55 13.66
N GLU B 108 -19.54 -32.55 14.20
CA GLU B 108 -20.94 -32.47 14.61
C GLU B 108 -21.13 -31.82 15.98
N TYR B 109 -20.17 -32.03 16.92
CA TYR B 109 -20.14 -31.60 18.34
C TYR B 109 -18.74 -31.17 18.77
N SER B 110 -18.57 -30.05 19.50
CA SER B 110 -17.27 -29.46 19.89
C SER B 110 -17.16 -28.90 21.30
N VAL B 111 -16.02 -29.09 22.04
CA VAL B 111 -15.78 -28.43 23.34
C VAL B 111 -14.78 -27.35 22.95
N ILE B 112 -15.37 -26.15 22.91
CA ILE B 112 -14.71 -24.85 22.66
C ILE B 112 -14.70 -23.99 23.92
N THR B 113 -13.79 -23.01 23.98
CA THR B 113 -13.68 -22.00 25.04
C THR B 113 -14.09 -20.72 24.31
N PRO B 114 -15.19 -20.02 24.70
CA PRO B 114 -15.47 -18.65 24.30
C PRO B 114 -14.61 -17.59 24.89
N MET B 115 -14.14 -16.91 23.81
CA MET B 115 -13.22 -15.77 23.79
C MET B 115 -13.87 -14.58 23.14
N THR B 116 -13.74 -13.34 23.63
CA THR B 116 -14.48 -12.13 23.18
C THR B 116 -14.47 -11.69 21.71
N HIS B 117 -13.33 -11.85 21.01
CA HIS B 117 -13.15 -11.49 19.60
C HIS B 117 -12.94 -12.75 18.74
N ALA B 118 -13.69 -13.80 19.15
CA ALA B 118 -13.73 -15.09 18.46
C ALA B 118 -15.12 -15.67 18.44
N HIS B 119 -15.82 -15.71 19.60
CA HIS B 119 -17.14 -16.31 19.79
C HIS B 119 -18.07 -15.32 20.41
N PHE B 120 -19.15 -15.23 19.63
CA PHE B 120 -20.20 -14.23 19.76
C PHE B 120 -21.59 -14.81 19.82
N LYS B 121 -22.35 -14.26 20.77
CA LYS B 121 -23.69 -14.67 21.08
C LYS B 121 -24.75 -14.06 20.17
N ILE B 122 -25.75 -14.93 20.01
CA ILE B 122 -26.99 -14.71 19.26
C ILE B 122 -28.02 -14.56 20.36
N GLN B 123 -28.57 -13.35 20.33
CA GLN B 123 -29.66 -12.87 21.17
C GLN B 123 -30.57 -12.01 20.29
N HIS B 124 -30.67 -12.49 19.02
CA HIS B 124 -31.57 -12.09 17.92
C HIS B 124 -31.96 -13.23 16.97
N THR B 125 -33.24 -13.67 17.14
CA THR B 125 -33.92 -14.68 16.31
C THR B 125 -35.26 -14.14 15.76
N ASP B 126 -35.06 -13.81 14.47
CA ASP B 126 -35.98 -13.14 13.58
C ASP B 126 -35.60 -13.29 12.11
N VAL B 127 -34.29 -13.53 12.00
CA VAL B 127 -33.42 -13.67 10.81
C VAL B 127 -32.85 -15.08 10.67
N PRO B 128 -32.43 -15.74 9.55
CA PRO B 128 -31.75 -17.05 9.53
C PRO B 128 -30.46 -17.16 10.29
N LEU B 129 -30.39 -18.35 10.89
CA LEU B 129 -29.28 -18.77 11.69
C LEU B 129 -28.05 -19.01 10.79
N SER B 130 -28.24 -19.49 9.53
CA SER B 130 -27.22 -19.63 8.48
C SER B 130 -26.42 -18.40 8.02
N TYR B 131 -26.98 -17.24 8.43
CA TYR B 131 -26.50 -15.88 8.18
C TYR B 131 -25.45 -15.36 9.14
N TYR B 132 -25.28 -16.07 10.26
CA TYR B 132 -24.25 -15.75 11.23
C TYR B 132 -22.89 -16.38 10.94
N THR B 133 -22.83 -16.92 9.70
CA THR B 133 -21.61 -17.40 9.03
C THR B 133 -21.14 -16.26 8.10
N GLY B 134 -22.10 -15.61 7.40
CA GLY B 134 -21.99 -14.54 6.42
C GLY B 134 -22.41 -13.14 6.80
N LEU B 135 -23.60 -12.65 6.37
CA LEU B 135 -24.17 -11.29 6.58
C LEU B 135 -24.18 -10.70 7.97
N LEU B 136 -24.59 -11.48 8.98
CA LEU B 136 -24.68 -11.11 10.40
C LEU B 136 -23.49 -11.63 11.21
N GLY B 137 -22.46 -11.98 10.44
CA GLY B 137 -21.28 -12.61 10.95
C GLY B 137 -20.08 -11.95 10.39
N MET B 138 -19.15 -12.84 10.05
CA MET B 138 -17.82 -12.44 9.63
C MET B 138 -17.77 -11.94 8.21
N PRO B 139 -18.24 -12.44 7.03
CA PRO B 139 -18.33 -11.66 5.81
C PRO B 139 -19.02 -10.33 5.80
N GLY B 140 -20.18 -10.19 6.47
CA GLY B 140 -20.85 -8.90 6.63
C GLY B 140 -20.09 -7.89 7.50
N MET B 141 -19.28 -8.30 8.51
CA MET B 141 -18.48 -7.45 9.38
C MET B 141 -17.31 -6.90 8.58
N THR B 142 -16.67 -7.67 7.66
CA THR B 142 -15.56 -7.31 6.75
C THR B 142 -15.94 -6.19 5.84
N ALA B 143 -17.17 -6.33 5.34
CA ALA B 143 -17.86 -5.43 4.44
C ALA B 143 -18.13 -4.12 5.12
N TYR B 144 -18.62 -4.12 6.37
CA TYR B 144 -18.86 -2.94 7.19
C TYR B 144 -17.53 -2.24 7.56
N ALA B 145 -16.57 -3.01 8.12
CA ALA B 145 -15.25 -2.60 8.61
C ALA B 145 -14.37 -2.06 7.52
N GLY B 146 -14.15 -2.86 6.50
CA GLY B 146 -13.34 -2.47 5.36
C GLY B 146 -13.88 -1.52 4.33
N PHE B 147 -15.19 -1.29 4.30
CA PHE B 147 -15.70 -0.27 3.43
C PHE B 147 -15.81 1.01 4.22
N TYR B 148 -16.40 1.10 5.43
CA TYR B 148 -16.57 2.39 6.12
C TYR B 148 -15.35 2.97 6.85
N GLU B 149 -14.42 2.10 7.26
CA GLU B 149 -13.25 2.45 8.06
C GLU B 149 -11.92 2.25 7.31
N VAL B 150 -11.82 1.70 6.07
CA VAL B 150 -10.54 1.48 5.34
C VAL B 150 -10.55 2.13 3.95
N CYS B 151 -11.73 2.18 3.31
CA CYS B 151 -11.96 2.81 2.02
C CYS B 151 -12.30 4.30 2.13
N SER B 152 -12.36 4.78 3.40
CA SER B 152 -12.73 6.09 3.94
C SER B 152 -13.65 6.99 3.08
N PRO B 153 -14.89 6.48 2.81
CA PRO B 153 -15.75 6.92 1.70
C PRO B 153 -16.58 8.18 1.94
N LYS B 154 -16.78 8.85 0.82
CA LYS B 154 -17.61 10.05 0.78
C LYS B 154 -18.58 9.82 -0.36
N GLU B 155 -19.79 10.39 -0.24
CA GLU B 155 -20.86 10.37 -1.24
C GLU B 155 -20.53 10.85 -2.67
N GLY B 156 -21.06 10.11 -3.65
CA GLY B 156 -20.89 10.37 -5.08
C GLY B 156 -19.68 9.71 -5.73
N GLU B 157 -18.74 9.20 -4.92
CA GLU B 157 -17.47 8.59 -5.35
C GLU B 157 -17.60 7.23 -6.00
N THR B 158 -16.75 6.95 -6.98
CA THR B 158 -16.81 5.74 -7.78
C THR B 158 -16.04 4.58 -7.18
N VAL B 159 -16.77 3.48 -6.94
CA VAL B 159 -16.33 2.27 -6.25
C VAL B 159 -16.19 1.15 -7.29
N TYR B 160 -15.06 0.42 -7.22
CA TYR B 160 -14.93 -0.86 -7.90
C TYR B 160 -14.73 -1.89 -6.81
N VAL B 161 -15.58 -2.93 -7.01
CA VAL B 161 -15.62 -4.11 -6.14
C VAL B 161 -15.33 -5.34 -7.00
N SER B 162 -14.32 -6.06 -6.50
CA SER B 162 -13.86 -7.36 -7.00
C SER B 162 -14.47 -8.46 -6.15
N ALA B 163 -14.67 -9.68 -6.77
CA ALA B 163 -15.37 -10.92 -6.32
C ALA B 163 -16.68 -10.61 -5.58
N ALA B 164 -17.28 -9.79 -6.44
CA ALA B 164 -18.45 -9.01 -6.16
C ALA B 164 -19.78 -9.68 -5.85
N SER B 165 -19.96 -10.97 -6.20
CA SER B 165 -21.18 -11.73 -5.90
C SER B 165 -20.98 -12.74 -4.76
N GLY B 166 -19.77 -12.70 -4.16
CA GLY B 166 -19.41 -13.46 -2.99
C GLY B 166 -19.76 -12.59 -1.81
N ALA B 167 -20.04 -13.26 -0.72
CA ALA B 167 -20.34 -12.79 0.63
C ALA B 167 -20.02 -11.41 1.23
N VAL B 168 -18.79 -11.01 0.94
CA VAL B 168 -18.17 -9.76 1.35
C VAL B 168 -18.46 -8.77 0.23
N GLY B 169 -18.19 -9.14 -1.03
CA GLY B 169 -18.36 -8.26 -2.19
C GLY B 169 -19.76 -7.67 -2.48
N GLN B 170 -20.80 -8.48 -2.29
CA GLN B 170 -22.20 -8.11 -2.52
C GLN B 170 -22.85 -7.14 -1.56
N LEU B 171 -22.26 -7.13 -0.37
CA LEU B 171 -22.64 -6.29 0.72
C LEU B 171 -21.99 -4.95 0.60
N VAL B 172 -20.71 -4.91 0.12
CA VAL B 172 -19.87 -3.71 -0.06
C VAL B 172 -20.52 -2.75 -1.01
N GLY B 173 -21.01 -3.36 -2.09
CA GLY B 173 -21.62 -2.64 -3.18
C GLY B 173 -23.04 -2.20 -2.96
N GLN B 174 -23.62 -2.56 -1.80
CA GLN B 174 -24.95 -2.15 -1.39
C GLN B 174 -24.84 -1.06 -0.35
N LEU B 175 -23.88 -1.25 0.56
CA LEU B 175 -23.40 -0.32 1.59
C LEU B 175 -22.89 0.98 0.96
N ALA B 176 -22.31 0.83 -0.24
CA ALA B 176 -21.88 1.85 -1.19
C ALA B 176 -22.97 2.52 -1.94
N LYS B 177 -23.97 1.80 -2.50
CA LYS B 177 -25.20 2.37 -3.05
C LYS B 177 -26.10 3.11 -2.05
N MET B 178 -25.87 2.84 -0.73
CA MET B 178 -26.58 3.44 0.41
C MET B 178 -26.05 4.75 0.95
N MET B 179 -25.01 5.11 0.21
CA MET B 179 -24.34 6.39 0.15
C MET B 179 -24.55 6.86 -1.28
N GLY B 180 -23.87 7.94 -1.75
CA GLY B 180 -24.10 8.51 -3.07
C GLY B 180 -23.59 7.69 -4.24
N CYS B 181 -22.70 6.73 -3.93
CA CYS B 181 -21.81 6.02 -4.84
C CYS B 181 -22.23 5.22 -6.08
N TYR B 182 -21.26 5.18 -7.04
CA TYR B 182 -21.31 4.52 -8.37
C TYR B 182 -20.51 3.21 -8.30
N VAL B 183 -21.29 2.12 -8.11
CA VAL B 183 -20.72 0.79 -7.93
C VAL B 183 -20.82 -0.05 -9.16
N VAL B 184 -19.62 -0.50 -9.58
CA VAL B 184 -19.42 -1.52 -10.62
C VAL B 184 -18.68 -2.68 -9.94
N GLY B 185 -19.17 -3.86 -10.34
CA GLY B 185 -18.67 -5.17 -9.95
C GLY B 185 -18.03 -5.97 -11.07
N SER B 186 -17.60 -7.17 -10.64
CA SER B 186 -16.91 -8.20 -11.40
C SER B 186 -17.09 -9.53 -10.74
N ALA B 187 -17.56 -10.40 -11.62
CA ALA B 187 -17.77 -11.78 -11.25
C ALA B 187 -17.47 -12.71 -12.42
N GLY B 188 -17.51 -14.01 -12.10
CA GLY B 188 -17.17 -15.17 -12.93
C GLY B 188 -18.17 -15.57 -13.97
N SER B 189 -19.37 -16.06 -13.62
CA SER B 189 -20.39 -16.52 -14.57
C SER B 189 -21.32 -15.42 -15.06
N LYS B 190 -22.32 -15.75 -15.90
CA LYS B 190 -23.31 -14.80 -16.44
C LYS B 190 -24.42 -14.67 -15.40
N GLU B 191 -24.65 -15.75 -14.62
CA GLU B 191 -25.67 -15.87 -13.55
C GLU B 191 -25.38 -15.00 -12.33
N LYS B 192 -24.06 -14.77 -12.22
CA LYS B 192 -23.38 -13.99 -11.23
C LYS B 192 -23.39 -12.51 -11.47
N VAL B 193 -23.34 -12.11 -12.74
CA VAL B 193 -23.34 -10.74 -13.24
C VAL B 193 -24.76 -10.18 -13.29
N ASP B 194 -25.74 -11.06 -13.56
CA ASP B 194 -27.19 -10.82 -13.58
C ASP B 194 -27.83 -10.77 -12.18
N LEU B 195 -27.01 -11.01 -11.15
CA LEU B 195 -27.36 -10.77 -9.77
C LEU B 195 -26.81 -9.43 -9.28
N LEU B 196 -25.68 -8.98 -9.89
CA LEU B 196 -25.06 -7.68 -9.64
C LEU B 196 -25.86 -6.52 -10.21
N LYS B 197 -26.29 -6.64 -11.46
CA LYS B 197 -27.11 -5.69 -12.23
C LYS B 197 -28.56 -5.57 -11.71
N THR B 198 -29.14 -6.69 -11.24
CA THR B 198 -30.52 -6.74 -10.77
C THR B 198 -30.65 -6.77 -9.24
N LYS B 199 -30.42 -7.92 -8.54
CA LYS B 199 -30.58 -8.17 -7.09
C LYS B 199 -29.78 -7.33 -6.07
N PHE B 200 -28.50 -7.07 -6.38
CA PHE B 200 -27.61 -6.33 -5.51
C PHE B 200 -27.40 -4.88 -5.93
N GLY B 201 -28.22 -4.43 -6.90
CA GLY B 201 -28.34 -3.06 -7.42
C GLY B 201 -27.10 -2.33 -7.92
N PHE B 202 -26.05 -3.00 -8.40
CA PHE B 202 -24.86 -2.35 -8.98
C PHE B 202 -25.24 -1.76 -10.33
N ASP B 203 -24.62 -0.59 -10.58
CA ASP B 203 -24.82 0.27 -11.74
C ASP B 203 -24.43 -0.29 -13.09
N ASP B 204 -23.25 -0.94 -13.15
CA ASP B 204 -22.82 -1.78 -14.26
C ASP B 204 -22.05 -2.91 -13.61
N ALA B 205 -21.57 -3.89 -14.40
CA ALA B 205 -20.82 -5.07 -14.00
C ALA B 205 -20.39 -5.85 -15.24
N PHE B 206 -19.41 -6.77 -15.06
CA PHE B 206 -18.84 -7.59 -16.13
C PHE B 206 -18.30 -8.92 -15.66
N ASN B 207 -17.79 -9.61 -16.69
CA ASN B 207 -17.27 -10.96 -16.60
C ASN B 207 -15.81 -10.77 -16.88
N TYR B 208 -14.95 -10.92 -15.84
CA TYR B 208 -13.50 -10.70 -16.02
C TYR B 208 -12.80 -11.74 -16.93
N LYS B 209 -13.51 -12.89 -16.93
CA LYS B 209 -13.27 -14.16 -17.62
C LYS B 209 -13.44 -13.97 -19.14
N GLU B 210 -14.56 -13.32 -19.51
CA GLU B 210 -14.90 -12.98 -20.89
C GLU B 210 -14.29 -11.64 -21.37
N GLU B 211 -13.31 -11.10 -20.62
CA GLU B 211 -12.52 -9.91 -20.96
C GLU B 211 -11.05 -10.21 -21.02
N SER B 212 -10.60 -9.75 -22.20
CA SER B 212 -9.24 -9.96 -22.72
C SER B 212 -8.19 -8.97 -22.28
N ASP B 213 -8.61 -7.71 -22.35
CA ASP B 213 -7.94 -6.52 -21.86
C ASP B 213 -8.95 -6.05 -20.83
N LEU B 214 -8.41 -6.09 -19.61
CA LEU B 214 -9.10 -5.75 -18.40
C LEU B 214 -9.13 -4.29 -18.02
N THR B 215 -8.17 -3.51 -18.56
CA THR B 215 -8.05 -2.05 -18.45
C THR B 215 -9.15 -1.43 -19.31
N ALA B 216 -9.38 -2.01 -20.51
CA ALA B 216 -10.40 -1.61 -21.47
C ALA B 216 -11.83 -1.74 -21.01
N ALA B 217 -12.05 -2.70 -20.08
CA ALA B 217 -13.27 -3.03 -19.38
C ALA B 217 -13.65 -1.99 -18.36
N LEU B 218 -12.62 -1.51 -17.65
CA LEU B 218 -12.64 -0.53 -16.56
C LEU B 218 -12.55 0.95 -16.93
N LYS B 219 -12.11 1.15 -18.18
CA LYS B 219 -12.08 2.43 -18.85
C LYS B 219 -13.40 2.64 -19.58
N ARG B 220 -14.16 1.56 -19.87
CA ARG B 220 -15.51 1.52 -20.45
C ARG B 220 -16.50 1.84 -19.33
N CYS B 221 -16.33 1.13 -18.20
CA CYS B 221 -17.18 1.21 -17.02
C CYS B 221 -17.10 2.47 -16.22
N PHE B 222 -15.90 2.99 -15.99
CA PHE B 222 -15.63 4.24 -15.30
C PHE B 222 -14.91 5.20 -16.28
N PRO B 223 -15.50 6.29 -16.85
CA PRO B 223 -14.84 7.21 -17.78
C PRO B 223 -13.94 8.25 -17.12
N ASN B 224 -14.36 8.54 -15.87
CA ASN B 224 -13.84 9.53 -14.97
C ASN B 224 -12.96 8.91 -13.87
N GLY B 225 -12.68 7.60 -14.02
CA GLY B 225 -11.84 6.78 -13.14
C GLY B 225 -12.45 6.34 -11.80
N ILE B 226 -11.67 5.46 -11.10
CA ILE B 226 -11.97 4.82 -9.82
C ILE B 226 -11.38 5.62 -8.65
N ASP B 227 -12.23 5.89 -7.63
CA ASP B 227 -11.85 6.57 -6.40
C ASP B 227 -11.59 5.54 -5.28
N ILE B 228 -12.52 4.62 -5.01
CA ILE B 228 -12.44 3.56 -3.97
C ILE B 228 -12.20 2.20 -4.67
N TYR B 229 -11.32 1.28 -4.21
CA TYR B 229 -11.29 -0.11 -4.69
C TYR B 229 -11.29 -1.11 -3.55
N PHE B 230 -12.27 -1.99 -3.67
CA PHE B 230 -12.39 -3.09 -2.76
C PHE B 230 -11.84 -4.30 -3.49
N GLU B 231 -10.71 -4.58 -2.88
CA GLU B 231 -9.82 -5.59 -3.39
C GLU B 231 -9.99 -6.90 -2.70
N ASN B 232 -10.72 -7.73 -3.44
CA ASN B 232 -10.86 -9.11 -3.07
C ASN B 232 -10.01 -10.00 -4.00
N VAL B 233 -9.52 -9.62 -5.24
CA VAL B 233 -8.71 -10.41 -6.21
C VAL B 233 -7.16 -10.34 -6.30
N GLY B 234 -6.40 -9.29 -6.69
CA GLY B 234 -4.95 -9.31 -6.92
C GLY B 234 -4.51 -9.67 -8.34
N GLY B 235 -3.23 -9.41 -8.60
CA GLY B 235 -2.49 -9.63 -9.85
C GLY B 235 -2.83 -8.69 -11.01
N LYS B 236 -3.35 -9.32 -12.10
CA LYS B 236 -3.91 -8.74 -13.35
C LYS B 236 -4.87 -7.53 -13.16
N MET B 237 -5.76 -7.77 -12.18
CA MET B 237 -6.82 -6.91 -11.66
C MET B 237 -6.39 -5.68 -10.92
N LEU B 238 -5.44 -5.80 -9.96
CA LEU B 238 -4.79 -4.71 -9.21
C LEU B 238 -3.96 -3.90 -10.21
N ASP B 239 -3.32 -4.46 -11.26
CA ASP B 239 -2.61 -3.69 -12.31
C ASP B 239 -3.41 -2.77 -13.22
N ALA B 240 -4.66 -3.21 -13.44
CA ALA B 240 -5.64 -2.54 -14.29
C ALA B 240 -6.28 -1.33 -13.64
N VAL B 241 -6.48 -1.58 -12.32
CA VAL B 241 -7.05 -0.59 -11.41
C VAL B 241 -6.10 0.57 -11.17
N LEU B 242 -4.78 0.31 -11.07
CA LEU B 242 -3.78 1.35 -10.82
C LEU B 242 -3.61 2.31 -11.96
N VAL B 243 -3.91 1.88 -13.21
CA VAL B 243 -3.91 2.79 -14.35
C VAL B 243 -5.28 3.44 -14.52
N ASN B 244 -6.35 2.79 -13.94
CA ASN B 244 -7.70 3.39 -13.93
C ASN B 244 -8.12 4.23 -12.70
N MET B 245 -7.23 4.41 -11.71
CA MET B 245 -7.44 5.21 -10.49
C MET B 245 -7.19 6.70 -10.58
N ASN B 246 -8.03 7.36 -9.77
CA ASN B 246 -8.00 8.79 -9.52
C ASN B 246 -7.06 9.03 -8.37
N MET B 247 -6.59 10.30 -8.45
CA MET B 247 -5.75 10.99 -7.49
C MET B 247 -6.42 11.11 -6.12
N HIS B 248 -5.65 10.79 -5.07
CA HIS B 248 -5.99 10.63 -3.64
C HIS B 248 -7.06 9.55 -3.39
N GLY B 249 -7.10 8.60 -4.34
CA GLY B 249 -7.97 7.46 -4.39
C GLY B 249 -7.49 6.32 -3.54
N ARG B 250 -8.36 5.60 -2.83
CA ARG B 250 -8.01 4.52 -1.89
C ARG B 250 -8.29 3.13 -2.39
N ILE B 251 -7.60 2.11 -1.83
CA ILE B 251 -7.72 0.68 -2.11
C ILE B 251 -7.71 0.01 -0.72
N ALA B 252 -8.76 -0.84 -0.47
CA ALA B 252 -8.87 -1.72 0.71
C ALA B 252 -8.57 -3.18 0.37
N VAL B 253 -7.48 -3.77 0.91
CA VAL B 253 -6.99 -5.13 0.61
C VAL B 253 -7.42 -6.06 1.76
N CYS B 254 -8.55 -6.57 1.31
CA CYS B 254 -9.37 -7.55 2.01
C CYS B 254 -8.78 -8.95 1.97
N GLY B 255 -8.65 -9.35 0.70
CA GLY B 255 -8.08 -10.58 0.25
C GLY B 255 -7.53 -10.34 -1.12
N MET B 256 -6.77 -11.35 -1.53
CA MET B 256 -6.18 -11.44 -2.84
C MET B 256 -6.33 -12.89 -3.33
N ILE B 257 -7.57 -13.36 -3.68
CA ILE B 257 -7.95 -14.80 -3.94
C ILE B 257 -7.30 -15.49 -5.10
N SER B 258 -6.77 -14.70 -6.03
CA SER B 258 -6.10 -15.26 -7.21
C SER B 258 -4.73 -15.88 -6.94
N GLN B 259 -4.14 -15.43 -5.83
CA GLN B 259 -2.80 -15.75 -5.38
C GLN B 259 -2.56 -16.92 -4.50
N TYR B 260 -3.54 -17.21 -3.62
CA TYR B 260 -3.55 -18.22 -2.58
C TYR B 260 -3.23 -19.68 -2.94
N ASN B 261 -3.65 -19.97 -4.17
CA ASN B 261 -3.58 -21.24 -4.92
C ASN B 261 -2.35 -21.40 -5.84
N LEU B 262 -1.53 -20.34 -5.89
CA LEU B 262 -0.31 -20.23 -6.66
C LEU B 262 0.89 -20.40 -5.76
N GLU B 263 1.80 -21.26 -6.25
CA GLU B 263 3.10 -21.54 -5.63
C GLU B 263 4.12 -20.42 -5.96
N ASN B 264 3.96 -20.05 -7.23
CA ASN B 264 4.69 -19.00 -7.92
C ASN B 264 3.63 -17.92 -8.04
N GLN B 265 3.80 -16.96 -7.12
CA GLN B 265 2.94 -15.81 -6.94
C GLN B 265 3.19 -14.69 -7.90
N GLU B 266 2.08 -14.41 -8.63
CA GLU B 266 1.98 -13.43 -9.70
C GLU B 266 2.20 -11.96 -9.27
N GLY B 267 2.93 -11.32 -10.21
CA GLY B 267 3.40 -9.95 -10.16
C GLY B 267 2.50 -8.88 -10.73
N VAL B 268 2.48 -7.88 -9.83
CA VAL B 268 1.81 -6.59 -10.00
C VAL B 268 2.97 -5.66 -10.32
N HIS B 269 2.83 -5.06 -11.51
CA HIS B 269 3.87 -4.24 -12.08
C HIS B 269 3.83 -2.79 -11.64
N ASN B 270 2.79 -2.13 -12.10
CA ASN B 270 2.59 -0.70 -11.99
C ASN B 270 2.02 -0.03 -10.73
N LEU B 271 2.74 -0.35 -9.64
CA LEU B 271 2.63 0.13 -8.25
C LEU B 271 3.46 1.40 -8.05
N SER B 272 3.93 1.84 -9.21
CA SER B 272 4.72 3.00 -9.55
C SER B 272 3.84 4.22 -9.56
N ASN B 273 2.61 3.93 -10.00
CA ASN B 273 1.48 4.82 -10.24
C ASN B 273 0.94 5.50 -8.99
N ILE B 274 1.35 5.03 -7.80
CA ILE B 274 0.82 5.53 -6.53
C ILE B 274 1.50 6.76 -5.96
N ILE B 275 2.57 7.22 -6.62
CA ILE B 275 3.29 8.46 -6.28
C ILE B 275 2.51 9.59 -6.95
N TYR B 276 2.37 9.51 -8.27
CA TYR B 276 1.78 10.47 -9.20
C TYR B 276 0.27 10.56 -9.06
N LYS B 277 -0.31 9.58 -8.35
CA LYS B 277 -1.72 9.53 -8.04
C LYS B 277 -2.00 9.54 -6.54
N ARG B 278 -1.04 9.69 -5.60
CA ARG B 278 -1.22 9.87 -4.13
C ARG B 278 -2.14 8.92 -3.32
N ASN B 279 -2.22 7.74 -3.96
CA ASN B 279 -2.99 6.55 -3.62
C ASN B 279 -2.59 5.74 -2.41
N ARG B 280 -3.60 5.18 -1.72
CA ARG B 280 -3.39 4.38 -0.53
C ARG B 280 -3.90 2.93 -0.69
N ILE B 281 -2.97 1.95 -0.71
CA ILE B 281 -3.20 0.50 -0.65
C ILE B 281 -3.18 0.19 0.85
N GLN B 282 -4.30 -0.28 1.42
CA GLN B 282 -4.41 -0.59 2.85
C GLN B 282 -5.06 -1.93 3.10
N GLY B 283 -4.31 -2.74 3.83
CA GLY B 283 -4.70 -4.06 4.28
C GLY B 283 -5.21 -4.05 5.70
N PHE B 284 -6.16 -4.96 5.92
CA PHE B 284 -6.81 -5.19 7.20
C PHE B 284 -7.20 -6.68 7.34
N VAL B 285 -7.32 -7.09 8.59
CA VAL B 285 -8.01 -8.32 8.94
C VAL B 285 -9.25 -7.79 9.71
N VAL B 286 -10.41 -8.50 9.73
CA VAL B 286 -11.63 -8.11 10.47
C VAL B 286 -11.43 -8.20 11.98
N SER B 287 -10.61 -9.15 12.44
CA SER B 287 -10.19 -9.40 13.81
C SER B 287 -9.98 -8.22 14.74
N ASP B 288 -9.39 -7.17 14.13
CA ASP B 288 -9.04 -5.87 14.71
C ASP B 288 -10.21 -4.96 15.06
N PHE B 289 -11.37 -5.20 14.39
CA PHE B 289 -12.59 -4.38 14.47
C PHE B 289 -13.84 -5.02 15.10
N TYR B 290 -13.79 -6.18 15.75
CA TYR B 290 -14.83 -6.89 16.51
C TYR B 290 -15.43 -6.32 17.81
N ASP B 291 -14.91 -5.11 18.07
CA ASP B 291 -15.26 -4.17 19.13
C ASP B 291 -16.40 -3.25 18.65
N LYS B 292 -16.50 -3.16 17.31
CA LYS B 292 -17.52 -2.49 16.53
C LYS B 292 -18.42 -3.58 15.87
N TYR B 293 -18.61 -4.79 16.48
CA TYR B 293 -19.58 -5.80 16.00
C TYR B 293 -20.98 -5.51 16.56
N SER B 294 -21.11 -4.84 17.72
CA SER B 294 -22.34 -4.36 18.37
C SER B 294 -22.94 -3.26 17.50
N LYS B 295 -22.07 -2.27 17.13
CA LYS B 295 -22.35 -1.15 16.24
C LYS B 295 -22.57 -1.48 14.80
N PHE B 296 -22.20 -2.72 14.42
CA PHE B 296 -22.56 -3.30 13.13
C PHE B 296 -23.96 -3.84 13.21
N LEU B 297 -24.23 -4.80 14.13
CA LEU B 297 -25.54 -5.40 14.30
C LEU B 297 -26.74 -4.49 14.58
N GLU B 298 -26.50 -3.34 15.27
CA GLU B 298 -27.47 -2.26 15.48
C GLU B 298 -27.83 -1.44 14.22
N PHE B 299 -27.01 -1.58 13.15
CA PHE B 299 -27.14 -0.93 11.84
C PHE B 299 -27.83 -1.85 10.84
N VAL B 300 -27.25 -3.04 10.55
CA VAL B 300 -27.65 -3.94 9.45
C VAL B 300 -28.99 -4.59 9.62
N LEU B 301 -29.34 -4.98 10.88
CA LEU B 301 -30.58 -5.62 11.19
C LEU B 301 -31.70 -4.62 11.00
N PRO B 302 -31.84 -3.29 11.36
CA PRO B 302 -32.69 -2.32 10.63
C PRO B 302 -32.71 -2.20 9.11
N HIS B 303 -31.63 -2.50 8.38
CA HIS B 303 -31.63 -2.41 6.90
C HIS B 303 -32.04 -3.68 6.13
N ILE B 304 -31.94 -4.90 6.77
CA ILE B 304 -32.40 -6.21 6.23
C ILE B 304 -33.92 -6.19 6.43
N ARG B 305 -34.43 -5.97 7.65
CA ARG B 305 -35.86 -5.87 8.04
C ARG B 305 -36.73 -4.81 7.32
N GLU B 306 -36.06 -3.84 6.66
CA GLU B 306 -36.67 -2.81 5.82
C GLU B 306 -36.56 -3.04 4.31
N GLY B 307 -35.66 -3.92 3.88
CA GLY B 307 -35.43 -4.31 2.48
C GLY B 307 -34.55 -3.40 1.65
N LYS B 308 -33.45 -2.94 2.28
CA LYS B 308 -32.40 -2.06 1.75
C LYS B 308 -31.05 -2.79 1.47
N ILE B 309 -30.88 -3.96 2.12
CA ILE B 309 -29.79 -4.92 1.92
C ILE B 309 -30.46 -6.27 1.62
N THR B 310 -29.86 -6.73 0.51
CA THR B 310 -30.09 -8.00 -0.16
C THR B 310 -28.82 -8.88 -0.13
N TYR B 311 -29.14 -10.20 -0.09
CA TYR B 311 -28.21 -11.33 0.11
C TYR B 311 -28.76 -12.67 -0.35
N VAL B 312 -27.84 -13.31 -1.12
CA VAL B 312 -27.90 -14.69 -1.62
C VAL B 312 -26.93 -15.50 -0.74
N GLU B 313 -27.20 -16.82 -0.79
CA GLU B 313 -26.49 -17.88 -0.08
C GLU B 313 -26.46 -19.19 -0.94
N ASP B 314 -25.49 -20.11 -0.69
CA ASP B 314 -25.30 -21.40 -1.40
C ASP B 314 -25.08 -22.47 -0.33
N VAL B 315 -26.24 -23.02 0.03
CA VAL B 315 -26.40 -24.11 0.99
C VAL B 315 -26.17 -25.45 0.32
N ALA B 316 -25.40 -26.25 1.05
CA ALA B 316 -25.09 -27.63 0.74
C ALA B 316 -25.35 -28.37 2.04
N ASP B 317 -25.94 -29.56 1.89
CA ASP B 317 -26.33 -30.47 2.97
C ASP B 317 -25.28 -31.48 3.50
N GLY B 318 -25.01 -31.32 4.81
CA GLY B 318 -24.11 -32.14 5.63
C GLY B 318 -22.64 -31.90 5.41
N LEU B 319 -21.86 -32.29 6.42
CA LEU B 319 -20.39 -32.40 6.41
C LEU B 319 -19.74 -33.16 5.24
N GLU B 320 -20.53 -34.06 4.64
CA GLU B 320 -20.29 -34.89 3.47
C GLU B 320 -19.82 -34.15 2.20
N LYS B 321 -20.50 -33.00 2.07
CA LYS B 321 -20.36 -32.03 0.99
C LYS B 321 -19.42 -30.90 1.32
N ALA B 322 -18.94 -30.78 2.58
CA ALA B 322 -18.06 -29.71 3.03
C ALA B 322 -16.64 -29.73 2.50
N PRO B 323 -15.88 -30.80 2.19
CA PRO B 323 -14.86 -30.84 1.12
C PRO B 323 -15.19 -30.21 -0.22
N GLU B 324 -16.24 -30.65 -0.94
CA GLU B 324 -16.70 -30.21 -2.26
C GLU B 324 -17.03 -28.72 -2.42
N ALA B 325 -17.50 -28.23 -1.25
CA ALA B 325 -17.95 -26.86 -1.02
C ALA B 325 -16.81 -25.89 -0.78
N LEU B 326 -15.78 -26.25 0.01
CA LEU B 326 -14.59 -25.42 0.22
C LEU B 326 -13.70 -25.44 -1.00
N VAL B 327 -13.72 -26.49 -1.83
CA VAL B 327 -12.88 -26.65 -3.02
C VAL B 327 -13.37 -25.71 -4.12
N GLY B 328 -14.67 -25.77 -4.41
CA GLY B 328 -15.34 -25.09 -5.53
C GLY B 328 -15.58 -23.61 -5.39
N LEU B 329 -14.86 -23.01 -4.47
CA LEU B 329 -14.84 -21.61 -4.06
C LEU B 329 -13.64 -20.92 -4.69
N PHE B 330 -12.71 -21.78 -5.13
CA PHE B 330 -11.43 -21.43 -5.73
C PHE B 330 -11.40 -21.45 -7.25
N HIS B 331 -12.58 -21.90 -7.69
CA HIS B 331 -13.04 -22.03 -9.06
C HIS B 331 -14.27 -21.10 -9.11
N GLY B 332 -15.20 -21.22 -8.12
CA GLY B 332 -16.33 -20.31 -7.93
C GLY B 332 -17.68 -20.85 -8.38
N LYS B 333 -18.10 -21.98 -7.82
CA LYS B 333 -19.41 -22.57 -8.03
C LYS B 333 -20.31 -22.43 -6.77
N ASN B 334 -19.86 -21.45 -5.92
CA ASN B 334 -20.66 -20.83 -4.86
C ASN B 334 -21.41 -19.66 -5.54
N VAL B 335 -22.72 -19.36 -5.36
CA VAL B 335 -23.35 -18.16 -5.97
C VAL B 335 -23.06 -17.00 -4.98
N GLY B 336 -23.66 -16.99 -3.80
CA GLY B 336 -23.30 -16.07 -2.73
C GLY B 336 -22.30 -16.79 -1.84
N LYS B 337 -22.61 -16.73 -0.54
CA LYS B 337 -21.87 -17.32 0.58
C LYS B 337 -22.13 -18.78 0.59
N GLN B 338 -21.03 -19.50 0.77
CA GLN B 338 -21.16 -20.93 0.92
C GLN B 338 -21.29 -21.38 2.38
N VAL B 339 -22.55 -21.76 2.68
CA VAL B 339 -22.94 -22.40 3.93
C VAL B 339 -22.96 -23.93 3.70
N VAL B 340 -22.67 -24.65 4.80
CA VAL B 340 -22.73 -26.09 4.90
C VAL B 340 -23.55 -26.29 6.16
N VAL B 341 -24.75 -26.86 5.92
CA VAL B 341 -25.77 -27.24 6.92
C VAL B 341 -25.20 -28.50 7.59
N VAL B 342 -24.97 -28.66 8.89
CA VAL B 342 -24.51 -29.94 9.50
C VAL B 342 -25.78 -30.59 10.04
N ALA B 343 -26.59 -29.71 10.67
CA ALA B 343 -27.92 -29.90 11.26
C ALA B 343 -28.75 -28.64 11.04
N ARG B 344 -30.04 -28.70 10.61
CA ARG B 344 -30.89 -27.50 10.49
C ARG B 344 -31.68 -27.23 11.78
N GLU B 345 -32.32 -26.04 11.91
CA GLU B 345 -33.09 -25.41 13.02
C GLU B 345 -32.18 -25.10 14.21
PA NAP C . 20.38 9.82 -4.72
O1A NAP C . 21.00 11.03 -5.29
O2A NAP C . 21.23 8.96 -3.86
O5B NAP C . 19.73 8.97 -5.97
C5B NAP C . 20.38 7.90 -6.68
C4B NAP C . 20.44 6.57 -5.92
O4B NAP C . 19.62 5.52 -6.49
C3B NAP C . 21.86 6.07 -5.93
O3B NAP C . 22.68 6.67 -4.92
C2B NAP C . 21.70 4.55 -5.83
O2B NAP C . 21.99 4.12 -4.44
C1B NAP C . 20.23 4.23 -6.28
N9A NAP C . 19.97 3.42 -7.52
C8A NAP C . 20.21 3.75 -8.81
N7A NAP C . 19.85 2.83 -9.70
C5A NAP C . 19.36 1.89 -8.91
C6A NAP C . 18.86 0.66 -9.36
N6A NAP C . 18.85 0.34 -10.66
N1A NAP C . 18.40 -0.19 -8.41
C2A NAP C . 18.42 0.11 -7.09
N3A NAP C . 18.93 1.29 -6.67
C4A NAP C . 19.41 2.20 -7.55
O3 NAP C . 19.12 10.34 -3.80
PN NAP C . 17.64 9.86 -3.23
O1N NAP C . 17.61 10.10 -1.75
O2N NAP C . 17.48 8.45 -3.66
O5D NAP C . 16.46 10.82 -3.89
C5D NAP C . 15.08 10.35 -4.02
C4D NAP C . 14.36 9.28 -4.89
O4D NAP C . 12.96 9.58 -4.73
C3D NAP C . 14.29 9.26 -6.41
O3D NAP C . 13.78 8.01 -6.91
C2D NAP C . 13.42 10.44 -6.78
O2D NAP C . 12.94 10.47 -8.12
C1D NAP C . 12.33 10.41 -5.75
N1N NAP C . 11.72 11.71 -5.35
C2N NAP C . 10.38 11.59 -4.91
C3N NAP C . 9.65 12.72 -4.49
C7N NAP C . 8.21 12.60 -3.95
O7N NAP C . 7.75 13.48 -3.22
N7N NAP C . 7.52 11.52 -4.27
C4N NAP C . 10.30 13.97 -4.57
C5N NAP C . 11.64 14.12 -5.00
C6N NAP C . 12.36 12.98 -5.41
P2B NAP C . 22.68 2.79 -3.99
O1X NAP C . 23.25 1.77 -4.91
O2X NAP C . 23.78 3.57 -3.40
O3X NAP C . 21.85 2.19 -2.91
C1 HNE D . 8.39 12.16 -8.32
C2 HNE D . 8.94 13.54 -7.89
C3 HNE D . 8.17 14.61 -7.94
C4 HNE D . 8.76 16.04 -7.91
C5 HNE D . 7.71 17.04 -8.42
C6 HNE D . 8.41 18.22 -9.12
C7 HNE D . 8.26 18.11 -10.65
C8 HNE D . 8.99 19.28 -11.32
C9 HNE D . 7.98 20.16 -12.07
O10 HNE D . 9.14 16.36 -6.60
O11 HNE D . 9.13 11.23 -8.50
PA NAP E . -16.68 -16.00 -1.31
O1A NAP E . -15.97 -17.29 -1.11
O2A NAP E . -18.13 -15.98 -0.99
O5B NAP E . -16.44 -15.43 -2.84
C5B NAP E . -15.96 -16.41 -3.76
C4B NAP E . -15.46 -15.84 -5.05
O4B NAP E . -14.17 -16.41 -5.31
C3B NAP E . -16.32 -16.25 -6.21
O3B NAP E . -17.37 -15.32 -6.49
C2B NAP E . -15.29 -16.39 -7.35
O2B NAP E . -15.59 -15.60 -8.53
C1B NAP E . -13.94 -15.99 -6.69
N9A NAP E . -12.69 -16.48 -7.36
C8A NAP E . -12.22 -17.73 -7.26
N7A NAP E . -11.09 -17.95 -7.91
C5A NAP E . -10.84 -16.78 -8.44
C6A NAP E . -9.73 -16.46 -9.25
N6A NAP E . -8.80 -17.34 -9.58
N1A NAP E . -9.64 -15.18 -9.69
C2A NAP E . -10.57 -14.26 -9.39
N3A NAP E . -11.63 -14.58 -8.63
C4A NAP E . -11.81 -15.83 -8.13
O3 NAP E . -15.86 -15.01 -0.30
PN NAP E . -16.05 -13.52 0.29
O1N NAP E . -16.82 -12.68 -0.68
O2N NAP E . -16.51 -13.69 1.69
O5D NAP E . -14.56 -12.87 0.30
C5D NAP E . -13.49 -13.19 -0.64
C4D NAP E . -12.03 -12.74 -0.38
O4D NAP E . -11.77 -11.86 0.73
C3D NAP E . -10.99 -13.82 -0.10
O3D NAP E . -9.72 -13.54 -0.72
C2D NAP E . -10.96 -13.95 1.40
O2D NAP E . -9.80 -14.60 1.92
C1D NAP E . -11.14 -12.52 1.85
N1N NAP E . -11.67 -12.39 3.22
C2N NAP E . -10.86 -11.55 3.99
C3N NAP E . -11.13 -11.30 5.32
C7N NAP E . -10.26 -10.34 6.14
O7N NAP E . -9.61 -9.45 5.59
N7N NAP E . -10.24 -10.52 7.45
C4N NAP E . -12.28 -11.93 5.87
C5N NAP E . -13.14 -12.77 5.10
C6N NAP E . -12.85 -13.01 3.75
P2B NAP E . -15.57 -15.96 -10.06
O1X NAP E . -16.89 -16.61 -10.24
O2X NAP E . -15.59 -14.61 -10.64
O3X NAP E . -14.51 -16.79 -10.70
C1 HNE F . -7.91 -13.41 5.40
C2 HNE F . -9.09 -13.74 6.35
C3 HNE F . -8.94 -13.56 7.66
C4 HNE F . -9.90 -14.23 8.66
C5 HNE F . -9.26 -14.22 10.07
C6 HNE F . -9.73 -15.46 10.86
C7 HNE F . -8.61 -16.51 10.93
C8 HNE F . -9.12 -17.74 11.70
C9 HNE F . -8.30 -17.92 13.00
O10 HNE F . -11.11 -13.52 8.70
O11 HNE F . -7.94 -13.78 4.24
#